data_6I98
#
_entry.id   6I98
#
_cell.length_a   174.554
_cell.length_b   174.554
_cell.length_c   180.245
_cell.angle_alpha   90.000
_cell.angle_beta   90.000
_cell.angle_gamma   120.000
#
_symmetry.space_group_name_H-M   'P 63 2 2'
#
loop_
_entity.id
_entity.type
_entity.pdbx_description
1 polymer 'Ferric hydroxamate uptake'
2 non-polymer 'NICKEL (II) ION'
3 non-polymer GLYCEROL
4 non-polymer (HYDROXYETHYLOXY)TRI(ETHYLOXY)OCTANE
5 non-polymer '3-HYDROXY-TETRADECANOIC ACID'
6 non-polymer 'SULFATE ION'
7 non-polymer 'SODIUM ION'
8 water water
#
_entity_poly.entity_id   1
_entity_poly.type   'polypeptide(L)'
_entity_poly.pdbx_seq_one_letter_code
;VFALGNNLGSTDGYLATHSQIATKTSKPLLETSQTVSVITREQIDDTASKTVQQAMRYTPGIFTGQVGASNRYDYVVMRG
FADNSVDNIYLDGLKAMGDSGTFSSMQVDPYFLERIDVLKGPSSVLYGRSLPGGLVALTSKKPLYEDYRQITGSIGNMGQ
KEMGFDFSGPLDEEKRIAYRLIGLGKGSDTQFDHVKEERYAIAPTLAIDFSDDTTLTLQGYLQHDPNGGYHGGVPADGTL
SHHNGRHISREFFDGEPSKDDFDRTQRMFGYQLEHRIDDVWSARQNFRYLDSDVDLSQVYAYGWSASEPNKLNRYFSGAR
EHLQAYIVDNMLQAEFATGAARHTLLTGLDYQRRRTVVDWRSGSASALDAFNPVYGDDAISYFPDDNHTRRLEQTGVYLQ
DLIDIDQWRFSLGLRQDWVSVTDKNRSTGSKADDDWEKFTGRIGALYLFDNGLAPYVSYSESFNPNAYSDASGTPLAPTE
GKQWELGLKFQAPGSNSFYTASLFHITQENVASKEPQDNFYTSVGEVRSQGLELEAHTQLSDNLKLLGSYTYTDITYTKS
LDGNQGHTPNQAPKHMASLWADYAFDAGPLSGLSIGGGARYVGETWADKENTLRVPDYTLVDARIGYDLGKLGLKGLDVS
LNANNLLDKDYVASCYSLDFCYFGEKRNVTATVNYQF
;
_entity_poly.pdbx_strand_id   A
#
loop_
_chem_comp.id
_chem_comp.type
_chem_comp.name
_chem_comp.formula
C8E non-polymer (HYDROXYETHYLOXY)TRI(ETHYLOXY)OCTANE 'C16 H34 O5'
FTT non-polymer '3-HYDROXY-TETRADECANOIC ACID' 'C14 H28 O3'
GOL non-polymer GLYCEROL 'C3 H8 O3'
NA non-polymer 'SODIUM ION' 'Na 1'
NI non-polymer 'NICKEL (II) ION' 'Ni 2'
SO4 non-polymer 'SULFATE ION' 'O4 S -2'
#
# COMPACT_ATOMS: atom_id res chain seq x y z
N VAL A 1 19.45 -0.38 22.25
CA VAL A 1 18.08 -0.90 22.46
C VAL A 1 17.56 -1.65 21.20
N PHE A 2 18.51 -2.02 20.31
CA PHE A 2 18.34 -2.91 19.17
C PHE A 2 17.80 -2.22 17.91
N ALA A 3 18.72 -1.70 17.13
CA ALA A 3 18.37 -0.99 15.91
C ALA A 3 18.15 -1.87 14.69
N LEU A 4 18.79 -3.01 14.66
CA LEU A 4 18.71 -3.84 13.47
C LEU A 4 17.30 -4.30 13.27
N GLY A 5 16.72 -3.84 12.16
CA GLY A 5 15.40 -4.20 11.76
C GLY A 5 14.23 -3.50 12.46
N ASN A 6 14.52 -2.56 13.38
CA ASN A 6 13.53 -1.73 14.06
C ASN A 6 13.61 -0.23 13.72
N ASN A 7 12.49 0.46 13.79
CA ASN A 7 12.39 1.89 13.53
C ASN A 7 13.01 2.65 14.65
N LEU A 8 12.63 2.27 15.84
CA LEU A 8 13.22 2.79 17.07
C LEU A 8 13.18 4.26 17.12
N GLY A 9 12.09 4.87 16.78
CA GLY A 9 12.22 6.30 16.90
C GLY A 9 11.67 6.89 18.17
N SER A 10 10.87 7.88 17.92
CA SER A 10 10.07 8.56 18.86
C SER A 10 9.02 9.18 17.90
N THR A 11 7.77 9.28 18.34
CA THR A 11 6.73 9.90 17.53
C THR A 11 6.01 10.93 18.38
N ASP A 12 5.41 11.93 17.74
CA ASP A 12 4.78 13.05 18.48
C ASP A 12 3.74 13.59 17.48
N GLY A 13 2.47 13.39 17.82
CA GLY A 13 1.38 13.71 16.93
C GLY A 13 1.47 12.96 15.62
N TYR A 14 1.63 13.72 14.55
CA TYR A 14 1.66 13.13 13.24
C TYR A 14 3.07 12.88 12.73
N LEU A 15 4.09 13.17 13.52
CA LEU A 15 5.46 13.15 13.08
C LEU A 15 6.35 12.19 13.88
N ALA A 16 7.01 11.31 13.14
CA ALA A 16 8.00 10.38 13.67
C ALA A 16 9.39 10.92 13.35
N THR A 17 10.35 10.57 14.19
CA THR A 17 11.79 10.99 14.11
C THR A 17 12.72 10.01 13.37
N HIS A 18 12.35 8.74 13.35
CA HIS A 18 13.22 7.72 12.78
C HIS A 18 12.47 6.73 11.94
N SER A 19 13.23 5.87 11.29
CA SER A 19 12.68 4.82 10.45
C SER A 19 13.74 3.79 10.16
N GLN A 20 13.31 2.64 9.69
CA GLN A 20 14.16 1.49 9.36
C GLN A 20 14.01 1.12 7.89
N ILE A 21 13.11 1.77 7.16
CA ILE A 21 12.66 1.29 5.88
C ILE A 21 13.69 1.50 4.80
N ALA A 22 14.48 2.57 4.87
CA ALA A 22 15.45 2.80 3.82
C ALA A 22 16.78 2.09 4.02
N THR A 23 16.94 1.46 5.19
CA THR A 23 18.22 1.03 5.69
C THR A 23 18.27 -0.32 6.38
N LYS A 24 17.10 -0.79 6.80
CA LYS A 24 16.92 -2.04 7.56
C LYS A 24 17.54 -1.92 8.93
N THR A 25 17.85 -0.68 9.35
CA THR A 25 18.32 -0.39 10.70
C THR A 25 17.89 1.04 11.04
N SER A 26 17.50 1.28 12.29
CA SER A 26 17.01 2.56 12.71
C SER A 26 17.92 3.71 12.31
N LYS A 27 17.38 4.68 11.63
CA LYS A 27 18.13 5.90 11.28
C LYS A 27 17.16 7.05 11.33
N PRO A 28 17.61 8.18 11.86
CA PRO A 28 16.77 9.36 11.84
C PRO A 28 16.48 9.84 10.42
N LEU A 29 15.22 10.18 10.20
CA LEU A 29 14.80 10.60 8.89
C LEU A 29 15.76 11.67 8.34
N LEU A 30 16.16 12.63 9.18
CA LEU A 30 17.03 13.75 8.81
C LEU A 30 18.40 13.35 8.29
N GLU A 31 18.92 12.23 8.77
CA GLU A 31 20.21 11.72 8.38
C GLU A 31 20.12 10.54 7.29
N THR A 32 19.01 10.49 6.56
CA THR A 32 18.73 9.41 5.64
C THR A 32 18.58 9.94 4.23
N SER A 33 19.37 9.40 3.27
CA SER A 33 19.51 9.92 1.91
C SER A 33 18.46 9.45 0.96
N GLN A 34 17.27 9.18 1.48
CA GLN A 34 16.07 8.83 0.65
C GLN A 34 14.87 9.62 1.15
N THR A 35 13.90 9.83 0.28
CA THR A 35 12.57 10.35 0.66
C THR A 35 11.75 9.27 1.43
N VAL A 36 11.34 9.55 2.65
CA VAL A 36 10.69 8.53 3.47
C VAL A 36 9.59 9.27 4.21
N SER A 37 8.33 8.97 3.99
CA SER A 37 7.28 9.53 4.86
C SER A 37 6.88 8.52 5.87
N VAL A 38 6.23 8.94 6.94
CA VAL A 38 5.77 8.02 7.96
C VAL A 38 4.40 8.49 8.39
N ILE A 39 3.45 7.58 8.46
CA ILE A 39 2.10 7.88 8.86
C ILE A 39 1.80 7.22 10.16
N THR A 40 1.64 7.99 11.22
CA THR A 40 1.33 7.45 12.56
C THR A 40 -0.06 6.86 12.79
N ARG A 41 -0.17 6.11 13.89
CA ARG A 41 -1.44 5.56 14.34
C ARG A 41 -2.44 6.66 14.52
N GLU A 42 -2.02 7.70 15.23
CA GLU A 42 -2.83 8.90 15.38
C GLU A 42 -3.36 9.55 14.05
N GLN A 43 -2.52 9.70 13.01
CA GLN A 43 -2.99 10.17 11.70
C GLN A 43 -4.08 9.26 11.14
N ILE A 44 -3.85 7.95 11.21
CA ILE A 44 -4.76 6.97 10.64
C ILE A 44 -6.09 7.17 11.29
N ASP A 45 -6.08 7.28 12.62
CA ASP A 45 -7.31 7.46 13.43
C ASP A 45 -7.99 8.77 13.22
N ASP A 46 -7.27 9.88 13.25
CA ASP A 46 -7.85 11.23 13.07
C ASP A 46 -8.58 11.37 11.68
N THR A 47 -8.02 10.78 10.62
CA THR A 47 -8.65 10.87 9.29
C THR A 47 -9.69 9.74 9.03
N ALA A 48 -9.82 8.85 9.99
CA ALA A 48 -10.73 7.74 9.87
C ALA A 48 -10.51 6.99 8.52
N SER A 49 -9.27 6.57 8.30
CA SER A 49 -8.89 5.82 7.11
C SER A 49 -9.23 4.38 7.35
N LYS A 50 -10.16 3.86 6.59
CA LYS A 50 -10.55 2.45 6.71
C LYS A 50 -9.60 1.36 6.13
N THR A 51 -8.46 1.72 5.59
CA THR A 51 -7.76 0.96 4.56
C THR A 51 -6.36 1.52 4.48
N VAL A 52 -5.37 0.69 4.21
CA VAL A 52 -4.00 1.22 4.12
C VAL A 52 -3.91 2.21 2.92
N GLN A 53 -4.55 1.87 1.84
CA GLN A 53 -4.58 2.78 0.68
C GLN A 53 -5.18 4.19 1.02
N GLN A 54 -6.23 4.23 1.83
CA GLN A 54 -6.92 5.45 2.17
C GLN A 54 -6.04 6.18 3.11
N ALA A 55 -5.32 5.45 3.96
CA ALA A 55 -4.43 6.04 4.93
C ALA A 55 -3.34 6.81 4.30
N MET A 56 -3.05 6.59 3.04
CA MET A 56 -2.01 7.33 2.34
C MET A 56 -2.44 8.59 1.59
N ARG A 57 -3.70 8.99 1.75
CA ARG A 57 -4.29 10.04 0.96
C ARG A 57 -3.73 11.44 1.28
N TYR A 58 -2.99 11.60 2.36
CA TYR A 58 -2.39 12.89 2.65
C TYR A 58 -0.86 12.78 2.37
N THR A 59 -0.40 11.78 1.64
CA THR A 59 1.04 11.67 1.48
C THR A 59 1.42 12.03 0.08
N PRO A 60 2.47 12.84 -0.09
CA PRO A 60 2.81 13.29 -1.45
C PRO A 60 3.41 12.17 -2.27
N GLY A 61 3.26 12.26 -3.59
CA GLY A 61 3.79 11.24 -4.47
C GLY A 61 2.97 9.98 -4.54
N ILE A 62 1.72 10.04 -4.08
CA ILE A 62 0.88 8.87 -3.99
C ILE A 62 -0.48 9.14 -4.54
N PHE A 63 -0.99 8.23 -5.32
CA PHE A 63 -2.28 8.34 -5.87
C PHE A 63 -3.10 7.18 -5.30
N THR A 64 -4.26 7.55 -4.75
CA THR A 64 -5.15 6.65 -4.02
C THR A 64 -6.39 6.21 -4.79
N GLY A 65 -6.49 6.54 -6.08
CA GLY A 65 -7.75 6.48 -6.79
C GLY A 65 -7.85 5.37 -7.77
N GLN A 66 -6.88 4.45 -7.72
CA GLN A 66 -6.78 3.49 -8.81
C GLN A 66 -8.10 2.71 -9.11
N VAL A 67 -8.88 2.34 -8.11
CA VAL A 67 -10.09 1.58 -8.35
C VAL A 67 -11.23 2.28 -7.64
N GLY A 68 -11.02 3.55 -7.39
CA GLY A 68 -11.99 4.35 -6.73
C GLY A 68 -12.46 3.75 -5.44
N ALA A 69 -13.76 3.74 -5.23
CA ALA A 69 -14.31 3.31 -3.96
C ALA A 69 -14.17 1.79 -3.66
N SER A 70 -13.29 1.06 -4.33
CA SER A 70 -13.15 -0.33 -4.02
C SER A 70 -12.28 -0.51 -2.78
N ASN A 71 -12.60 -1.42 -1.92
CA ASN A 71 -11.77 -1.70 -0.82
C ASN A 71 -11.25 -3.10 -0.79
N ARG A 72 -11.47 -3.95 -1.80
CA ARG A 72 -11.02 -5.32 -1.76
C ARG A 72 -9.49 -5.45 -1.63
N TYR A 73 -8.75 -4.67 -2.40
CA TYR A 73 -7.31 -4.71 -2.37
C TYR A 73 -6.78 -3.32 -2.17
N ASP A 74 -5.47 -3.22 -1.94
CA ASP A 74 -4.76 -1.96 -1.58
C ASP A 74 -3.86 -1.54 -2.73
N TYR A 75 -4.34 -0.56 -3.48
CA TYR A 75 -3.68 -0.09 -4.67
C TYR A 75 -3.12 1.25 -4.33
N VAL A 76 -1.79 1.31 -4.38
CA VAL A 76 -1.04 2.51 -4.04
C VAL A 76 -0.10 2.81 -5.19
N VAL A 77 -0.42 3.88 -5.95
CA VAL A 77 0.40 4.23 -7.07
C VAL A 77 1.44 5.21 -6.64
N MET A 78 2.71 4.88 -6.87
CA MET A 78 3.82 5.72 -6.39
C MET A 78 4.58 6.35 -7.53
N ARG A 79 4.64 7.67 -7.53
CA ARG A 79 5.42 8.41 -8.54
C ARG A 79 5.01 8.08 -9.97
N GLY A 80 3.74 7.74 -10.17
CA GLY A 80 3.19 7.47 -11.51
C GLY A 80 3.11 6.00 -11.90
N PHE A 81 3.77 5.09 -11.18
CA PHE A 81 3.89 3.66 -11.57
C PHE A 81 2.77 2.84 -10.96
N ALA A 82 1.71 2.75 -11.76
CA ALA A 82 0.50 2.00 -11.49
C ALA A 82 0.53 0.51 -11.85
N ASP A 83 1.40 0.08 -12.76
CA ASP A 83 1.25 -1.22 -13.38
C ASP A 83 1.31 -2.43 -12.44
N ASN A 84 2.03 -2.48 -11.34
CA ASN A 84 1.66 -3.66 -10.52
C ASN A 84 1.46 -3.24 -9.05
N SER A 85 0.67 -2.17 -8.86
CA SER A 85 0.58 -1.49 -7.58
C SER A 85 0.16 -2.36 -6.40
N VAL A 86 -0.54 -3.47 -6.64
CA VAL A 86 -0.84 -4.38 -5.47
C VAL A 86 0.38 -4.95 -4.74
N ASP A 87 1.49 -5.10 -5.47
CA ASP A 87 2.75 -5.56 -4.93
C ASP A 87 3.59 -4.51 -4.22
N ASN A 88 3.11 -3.32 -3.89
CA ASN A 88 4.03 -2.39 -3.19
C ASN A 88 4.16 -2.60 -1.69
N ILE A 89 3.37 -3.49 -1.10
CA ILE A 89 3.26 -3.68 0.38
C ILE A 89 4.22 -4.72 1.01
N TYR A 90 4.98 -4.28 1.98
CA TYR A 90 5.79 -5.13 2.88
C TYR A 90 5.23 -4.96 4.31
N LEU A 91 5.27 -6.04 5.09
CA LEU A 91 4.73 -6.13 6.47
C LEU A 91 5.80 -6.73 7.43
N ASP A 92 6.10 -6.04 8.53
CA ASP A 92 7.16 -6.39 9.46
C ASP A 92 8.44 -6.93 8.78
N GLY A 93 8.84 -6.14 7.80
CA GLY A 93 10.05 -6.29 7.11
C GLY A 93 10.02 -7.07 5.85
N LEU A 94 8.94 -7.78 5.63
CA LEU A 94 8.88 -8.89 4.66
C LEU A 94 7.76 -8.65 3.70
N LYS A 95 8.03 -8.83 2.42
CA LYS A 95 7.06 -8.68 1.34
C LYS A 95 5.80 -9.46 1.63
N ALA A 96 4.66 -8.97 1.15
CA ALA A 96 3.35 -9.52 1.45
C ALA A 96 3.09 -10.85 0.74
N MET A 97 3.59 -11.06 -0.45
CA MET A 97 3.61 -12.46 -1.05
C MET A 97 2.31 -12.97 -1.56
N GLY A 98 1.34 -12.06 -1.73
CA GLY A 98 0.21 -12.26 -2.65
C GLY A 98 0.80 -12.48 -4.01
N ASP A 99 -0.01 -12.91 -4.96
CA ASP A 99 0.41 -13.24 -6.34
C ASP A 99 -0.43 -12.29 -7.20
N SER A 100 0.19 -11.16 -7.52
CA SER A 100 -0.43 -10.08 -8.36
C SER A 100 -1.17 -10.56 -9.59
N GLY A 101 -0.77 -11.68 -10.19
CA GLY A 101 -1.40 -12.18 -11.41
C GLY A 101 -2.56 -13.11 -11.25
N THR A 102 -3.20 -13.14 -10.08
CA THR A 102 -4.30 -14.06 -9.69
C THR A 102 -5.19 -13.21 -8.78
N PHE A 103 -6.32 -13.72 -8.32
CA PHE A 103 -7.15 -12.93 -7.35
C PHE A 103 -6.69 -12.91 -5.86
N SER A 104 -5.57 -13.58 -5.60
CA SER A 104 -4.98 -13.72 -4.26
C SER A 104 -3.91 -12.69 -3.90
N SER A 105 -4.25 -11.40 -3.92
CA SER A 105 -3.49 -10.37 -3.19
C SER A 105 -4.02 -10.25 -1.75
N MET A 106 -3.10 -10.05 -0.84
CA MET A 106 -3.43 -9.93 0.59
C MET A 106 -3.79 -8.52 1.00
N GLN A 107 -4.54 -8.40 2.09
CA GLN A 107 -4.95 -7.10 2.67
C GLN A 107 -4.80 -7.06 4.18
N VAL A 108 -4.04 -6.08 4.65
CA VAL A 108 -3.85 -5.89 6.04
C VAL A 108 -4.77 -4.80 6.52
N ASP A 109 -5.64 -5.19 7.44
CA ASP A 109 -6.44 -4.21 8.17
C ASP A 109 -5.64 -3.21 8.99
N PRO A 110 -5.97 -1.91 8.87
CA PRO A 110 -5.17 -0.91 9.60
C PRO A 110 -5.27 -0.98 11.12
N TYR A 111 -6.35 -1.51 11.66
CA TYR A 111 -6.49 -1.68 13.09
C TYR A 111 -5.35 -2.50 13.69
N PHE A 112 -4.67 -3.34 12.90
CA PHE A 112 -3.49 -4.09 13.43
C PHE A 112 -2.15 -3.36 13.39
N LEU A 113 -2.09 -2.21 12.77
CA LEU A 113 -0.84 -1.52 12.60
C LEU A 113 -0.63 -0.39 13.52
N GLU A 114 0.63 -0.07 13.72
CA GLU A 114 1.00 1.02 14.56
C GLU A 114 1.65 2.11 13.76
N ARG A 115 2.02 1.82 12.52
CA ARG A 115 2.75 2.74 11.70
C ARG A 115 2.75 2.32 10.27
N ILE A 116 3.02 3.25 9.37
CA ILE A 116 3.13 2.96 7.96
C ILE A 116 4.22 3.83 7.45
N ASP A 117 5.23 3.26 6.82
CA ASP A 117 6.32 4.04 6.26
C ASP A 117 6.32 3.94 4.76
N VAL A 118 6.56 5.05 4.11
CA VAL A 118 6.68 5.06 2.64
C VAL A 118 8.08 5.42 2.21
N LEU A 119 8.66 4.65 1.30
CA LEU A 119 10.01 4.86 0.77
C LEU A 119 9.82 5.08 -0.72
N LYS A 120 10.41 6.14 -1.26
CA LYS A 120 10.10 6.52 -2.65
C LYS A 120 11.19 6.09 -3.57
N GLY A 121 10.84 5.81 -4.81
CA GLY A 121 11.80 5.31 -5.74
C GLY A 121 12.28 3.85 -5.62
N PRO A 122 13.12 3.42 -6.61
CA PRO A 122 13.69 2.08 -6.74
C PRO A 122 14.39 1.62 -5.47
N SER A 123 14.11 0.42 -5.02
CA SER A 123 14.47 -0.02 -3.68
C SER A 123 14.88 -1.48 -3.60
N SER A 124 15.30 -2.06 -4.72
CA SER A 124 15.57 -3.48 -4.79
C SER A 124 16.80 -3.87 -4.05
N VAL A 125 17.63 -2.89 -3.68
CA VAL A 125 18.94 -3.14 -3.10
C VAL A 125 18.88 -3.74 -1.71
N LEU A 126 17.75 -3.61 -1.03
CA LEU A 126 17.49 -4.37 0.20
C LEU A 126 16.28 -5.30 0.14
N TYR A 127 15.43 -5.20 -0.90
CA TYR A 127 14.18 -5.98 -0.95
C TYR A 127 13.99 -6.90 -2.15
N GLY A 128 14.87 -6.88 -3.14
CA GLY A 128 14.65 -7.73 -4.29
C GLY A 128 13.58 -7.12 -5.18
N ARG A 129 12.91 -7.98 -5.94
CA ARG A 129 11.85 -7.56 -6.82
C ARG A 129 10.90 -6.55 -6.15
N SER A 130 10.66 -5.46 -6.86
CA SER A 130 9.79 -4.39 -6.42
C SER A 130 9.64 -3.34 -7.52
N LEU A 131 8.86 -2.32 -7.27
CA LEU A 131 8.52 -1.36 -8.35
C LEU A 131 9.47 -0.15 -8.38
N PRO A 132 9.53 0.51 -9.53
CA PRO A 132 10.33 1.71 -9.67
C PRO A 132 9.88 2.89 -8.78
N GLY A 133 8.57 3.02 -8.56
CA GLY A 133 8.01 4.04 -7.70
C GLY A 133 8.31 3.93 -6.21
N GLY A 134 8.50 2.70 -5.74
CA GLY A 134 8.96 2.47 -4.37
C GLY A 134 8.12 1.46 -3.59
N LEU A 135 8.13 1.63 -2.27
CA LEU A 135 7.39 0.74 -1.43
C LEU A 135 6.84 1.25 -0.13
N VAL A 136 5.83 0.52 0.30
CA VAL A 136 5.13 0.83 1.52
C VAL A 136 5.40 -0.29 2.50
N ALA A 137 5.84 0.07 3.69
CA ALA A 137 6.11 -0.88 4.73
C ALA A 137 5.24 -0.69 5.97
N LEU A 138 4.47 -1.69 6.31
CA LEU A 138 3.61 -1.63 7.47
C LEU A 138 4.24 -2.26 8.69
N THR A 139 4.05 -1.64 9.84
CA THR A 139 4.60 -2.14 11.09
C THR A 139 3.44 -2.50 11.97
N SER A 140 3.40 -3.73 12.45
CA SER A 140 2.24 -4.23 13.19
C SER A 140 2.41 -3.89 14.63
N LYS A 141 1.30 -3.85 15.37
CA LYS A 141 1.36 -3.66 16.83
C LYS A 141 2.10 -4.77 17.52
N LYS A 142 2.84 -4.41 18.56
CA LYS A 142 3.68 -5.31 19.37
C LYS A 142 3.29 -5.41 20.84
N PRO A 143 3.72 -6.48 21.51
CA PRO A 143 3.36 -6.56 22.91
C PRO A 143 3.92 -5.44 23.77
N LEU A 144 3.26 -5.12 24.86
CA LEU A 144 3.71 -4.05 25.71
C LEU A 144 3.99 -4.61 27.08
N TYR A 145 4.89 -3.90 27.73
CA TYR A 145 5.46 -4.36 28.96
C TYR A 145 4.79 -3.72 30.22
N GLU A 146 3.74 -2.91 30.00
CA GLU A 146 2.78 -2.48 31.04
C GLU A 146 1.35 -2.89 30.59
N ASP A 147 0.41 -3.23 31.50
CA ASP A 147 -0.95 -3.71 31.09
C ASP A 147 -1.76 -2.67 30.29
N TYR A 148 -2.26 -3.02 29.11
CA TYR A 148 -3.03 -2.12 28.19
C TYR A 148 -4.33 -2.77 27.68
N ARG A 149 -5.43 -2.04 27.64
CA ARG A 149 -6.72 -2.61 27.19
C ARG A 149 -7.53 -1.59 26.40
N GLN A 150 -7.98 -1.90 25.19
CA GLN A 150 -8.84 -0.98 24.43
C GLN A 150 -9.99 -1.74 23.87
N ILE A 151 -11.12 -1.08 23.83
CA ILE A 151 -12.31 -1.58 23.21
C ILE A 151 -12.83 -0.44 22.36
N THR A 152 -13.40 -0.75 21.23
CA THR A 152 -13.68 0.29 20.26
C THR A 152 -14.90 -0.02 19.44
N GLY A 153 -15.67 1.00 19.12
CA GLY A 153 -17.00 0.79 18.53
C GLY A 153 -17.23 1.85 17.52
N SER A 154 -17.88 1.50 16.42
CA SER A 154 -18.06 2.41 15.30
C SER A 154 -19.34 2.15 14.59
N ILE A 155 -20.03 3.19 14.23
CA ILE A 155 -21.21 3.09 13.46
C ILE A 155 -21.07 4.16 12.36
N GLY A 156 -21.69 3.91 11.23
CA GLY A 156 -21.57 4.84 10.12
C GLY A 156 -22.72 4.72 9.16
N ASN A 157 -22.74 5.65 8.21
CA ASN A 157 -23.56 5.48 7.03
C ASN A 157 -23.04 4.30 6.10
N MET A 158 -23.81 4.02 5.06
CA MET A 158 -23.73 2.84 4.25
C MET A 158 -23.73 1.60 5.10
N GLY A 159 -24.42 1.65 6.22
CA GLY A 159 -24.52 0.45 7.02
C GLY A 159 -23.21 -0.02 7.61
N GLN A 160 -22.26 0.90 7.76
CA GLN A 160 -20.96 0.62 8.44
C GLN A 160 -21.21 0.34 9.91
N LYS A 161 -20.49 -0.68 10.39
CA LYS A 161 -20.40 -1.00 11.79
C LYS A 161 -19.10 -1.80 12.07
N GLU A 162 -18.39 -1.45 13.15
CA GLU A 162 -17.13 -2.10 13.52
C GLU A 162 -17.04 -2.20 15.03
N MET A 163 -16.49 -3.30 15.53
CA MET A 163 -16.19 -3.54 16.94
C MET A 163 -14.76 -4.05 16.96
N GLY A 164 -13.97 -3.73 17.95
CA GLY A 164 -12.61 -4.27 18.02
C GLY A 164 -11.98 -4.16 19.39
N PHE A 165 -11.04 -5.03 19.70
CA PHE A 165 -10.36 -4.95 20.96
C PHE A 165 -8.88 -5.12 20.73
N ASP A 166 -8.12 -4.80 21.77
CA ASP A 166 -6.70 -4.78 21.66
C ASP A 166 -6.14 -4.89 23.07
N PHE A 167 -5.91 -6.09 23.56
CA PHE A 167 -5.31 -6.28 24.86
C PHE A 167 -3.83 -6.57 24.72
N SER A 168 -3.01 -5.92 25.53
CA SER A 168 -1.60 -6.26 25.67
C SER A 168 -1.15 -6.23 27.11
N GLY A 169 -0.03 -6.85 27.39
CA GLY A 169 0.53 -6.75 28.71
C GLY A 169 1.56 -7.79 29.02
N PRO A 170 2.29 -7.61 30.13
CA PRO A 170 3.21 -8.64 30.63
C PRO A 170 2.49 -9.82 31.22
N LEU A 171 3.06 -11.01 30.99
CA LEU A 171 2.49 -12.30 31.33
C LEU A 171 3.10 -12.98 32.57
N ASP A 172 4.36 -12.68 32.89
CA ASP A 172 5.03 -13.31 34.03
C ASP A 172 5.34 -12.28 35.12
N GLU A 173 5.49 -12.74 36.36
CA GLU A 173 6.00 -11.88 37.44
C GLU A 173 7.22 -11.00 37.00
N GLU A 174 8.22 -11.54 36.28
CA GLU A 174 9.46 -10.75 36.01
C GLU A 174 9.45 -9.93 34.71
N LYS A 175 8.29 -9.85 34.03
CA LYS A 175 8.06 -8.99 32.84
C LYS A 175 9.00 -9.28 31.63
N ARG A 176 9.17 -10.56 31.36
CA ARG A 176 9.98 -11.06 30.24
C ARG A 176 9.16 -11.80 29.22
N ILE A 177 7.90 -12.11 29.52
CA ILE A 177 7.00 -12.64 28.53
C ILE A 177 5.83 -11.63 28.42
N ALA A 178 5.49 -11.23 27.18
CA ALA A 178 4.39 -10.28 26.96
C ALA A 178 3.55 -10.79 25.83
N TYR A 179 2.24 -10.50 25.88
CA TYR A 179 1.26 -10.86 24.84
C TYR A 179 0.67 -9.61 24.23
N ARG A 180 0.18 -9.78 23.03
CA ARG A 180 -0.86 -8.89 22.52
C ARG A 180 -1.88 -9.73 21.81
N LEU A 181 -3.15 -9.40 22.01
CA LEU A 181 -4.25 -10.05 21.32
C LEU A 181 -5.17 -8.95 20.74
N ILE A 182 -5.35 -8.95 19.41
CA ILE A 182 -6.13 -7.92 18.73
C ILE A 182 -7.22 -8.58 17.91
N GLY A 183 -8.45 -8.14 18.06
CA GLY A 183 -9.58 -8.78 17.38
C GLY A 183 -10.42 -7.71 16.74
N LEU A 184 -11.02 -7.96 15.58
CA LEU A 184 -12.07 -7.06 15.12
C LEU A 184 -13.08 -7.78 14.33
N GLY A 185 -14.23 -7.13 14.17
CA GLY A 185 -15.32 -7.56 13.28
C GLY A 185 -15.86 -6.30 12.64
N LYS A 186 -16.22 -6.34 11.36
CA LYS A 186 -16.40 -5.14 10.59
C LYS A 186 -17.29 -5.41 9.41
N GLY A 187 -18.10 -4.45 9.01
CA GLY A 187 -19.02 -4.62 7.89
C GLY A 187 -19.51 -3.31 7.30
N SER A 188 -20.07 -3.41 6.12
CA SER A 188 -20.47 -2.25 5.34
C SER A 188 -21.34 -2.75 4.21
N ASP A 189 -22.48 -2.12 3.95
CA ASP A 189 -23.08 -2.16 2.57
C ASP A 189 -22.21 -1.14 1.91
N THR A 190 -22.05 -1.04 0.62
CA THR A 190 -21.14 0.09 0.29
C THR A 190 -22.05 1.21 -0.18
N GLN A 191 -21.56 2.12 -1.00
CA GLN A 191 -22.45 2.90 -1.83
C GLN A 191 -23.15 2.06 -2.90
N PHE A 192 -22.63 0.89 -3.23
CA PHE A 192 -23.09 0.21 -4.43
C PHE A 192 -24.17 -0.78 -4.12
N ASP A 193 -25.22 -0.78 -4.89
CA ASP A 193 -26.31 -1.70 -4.73
C ASP A 193 -25.92 -3.13 -4.69
N HIS A 194 -26.58 -3.84 -3.78
CA HIS A 194 -26.46 -5.25 -3.57
C HIS A 194 -25.10 -5.73 -3.14
N VAL A 195 -24.24 -4.88 -2.59
CA VAL A 195 -22.95 -5.40 -2.12
C VAL A 195 -22.76 -5.26 -0.64
N LYS A 196 -22.17 -6.30 -0.04
CA LYS A 196 -21.58 -6.22 1.31
C LYS A 196 -20.06 -6.30 1.32
N GLU A 197 -19.45 -5.70 2.34
CA GLU A 197 -18.12 -6.07 2.80
C GLU A 197 -18.27 -6.55 4.24
N GLU A 198 -17.45 -7.50 4.63
CA GLU A 198 -17.51 -8.16 5.93
C GLU A 198 -16.11 -8.68 6.26
N ARG A 199 -15.69 -8.54 7.49
CA ARG A 199 -14.38 -9.07 7.95
C ARG A 199 -14.43 -9.53 9.42
N TYR A 200 -13.78 -10.60 9.76
CA TYR A 200 -13.53 -10.96 11.15
C TYR A 200 -12.07 -11.26 11.14
N ALA A 201 -11.31 -10.72 12.10
CA ALA A 201 -9.84 -11.01 12.21
C ALA A 201 -9.36 -10.99 13.65
N ILE A 202 -8.32 -11.77 13.90
CA ILE A 202 -7.68 -11.87 15.17
C ILE A 202 -6.20 -12.10 15.02
N ALA A 203 -5.41 -11.41 15.82
CA ALA A 203 -3.93 -11.38 15.72
C ALA A 203 -3.31 -11.60 17.10
N PRO A 204 -2.88 -12.83 17.39
CA PRO A 204 -2.16 -13.02 18.62
C PRO A 204 -0.65 -12.96 18.42
N THR A 205 0.05 -12.54 19.45
CA THR A 205 1.46 -12.25 19.44
C THR A 205 2.04 -12.53 20.83
N LEU A 206 3.14 -13.25 20.92
CA LEU A 206 3.82 -13.52 22.16
C LEU A 206 5.29 -13.04 22.02
N ALA A 207 5.80 -12.34 23.03
CA ALA A 207 7.15 -11.75 22.97
C ALA A 207 7.89 -12.27 24.17
N ILE A 208 9.05 -12.87 23.90
CA ILE A 208 9.82 -13.65 24.86
C ILE A 208 11.24 -13.10 24.87
N ASP A 209 11.72 -12.66 26.02
CA ASP A 209 13.13 -12.31 26.25
C ASP A 209 13.86 -13.54 26.68
N PHE A 210 14.97 -13.87 26.04
CA PHE A 210 15.66 -15.06 26.37
C PHE A 210 16.76 -14.83 27.35
N SER A 211 17.89 -14.27 27.00
CA SER A 211 18.89 -14.18 28.11
C SER A 211 19.12 -12.78 28.57
N ASP A 212 20.03 -12.05 27.95
CA ASP A 212 20.07 -10.58 28.06
C ASP A 212 20.38 -10.08 26.65
N ASP A 213 20.30 -11.00 25.71
CA ASP A 213 20.88 -10.89 24.42
C ASP A 213 19.89 -11.32 23.31
N THR A 214 18.72 -11.84 23.65
CA THR A 214 17.82 -12.38 22.64
C THR A 214 16.37 -12.05 22.88
N THR A 215 15.64 -11.57 21.88
CA THR A 215 14.16 -11.57 21.93
C THR A 215 13.62 -12.40 20.82
N LEU A 216 12.60 -13.19 21.12
CA LEU A 216 11.79 -13.94 20.12
C LEU A 216 10.35 -13.52 20.13
N THR A 217 9.80 -13.30 18.94
CA THR A 217 8.41 -12.84 18.81
C THR A 217 7.59 -13.73 17.93
N LEU A 218 6.61 -14.44 18.51
CA LEU A 218 5.66 -15.30 17.77
C LEU A 218 4.43 -14.55 17.40
N GLN A 219 3.97 -14.71 16.16
CA GLN A 219 3.00 -13.84 15.53
C GLN A 219 1.95 -14.65 14.76
N GLY A 220 0.70 -14.36 14.96
CA GLY A 220 -0.30 -14.84 14.07
C GLY A 220 -1.23 -13.74 13.60
N TYR A 221 -1.77 -13.94 12.41
CA TYR A 221 -2.75 -13.04 11.90
C TYR A 221 -3.75 -13.91 11.10
N LEU A 222 -4.93 -14.18 11.67
CA LEU A 222 -5.97 -14.92 10.98
C LEU A 222 -7.07 -13.96 10.59
N GLN A 223 -7.37 -13.84 9.31
CA GLN A 223 -8.42 -12.92 8.79
C GLN A 223 -9.37 -13.66 7.83
N HIS A 224 -10.67 -13.40 7.91
CA HIS A 224 -11.66 -14.03 7.06
C HIS A 224 -12.61 -12.97 6.53
N ASP A 225 -12.75 -12.87 5.23
CA ASP A 225 -13.60 -11.85 4.60
C ASP A 225 -14.67 -12.59 3.84
N PRO A 226 -15.85 -12.79 4.39
CA PRO A 226 -16.89 -13.51 3.62
C PRO A 226 -17.50 -12.71 2.48
N ASN A 227 -17.18 -11.44 2.36
CA ASN A 227 -17.68 -10.64 1.24
C ASN A 227 -16.62 -9.59 0.91
N GLY A 228 -16.45 -9.36 -0.39
CA GLY A 228 -15.35 -8.54 -0.93
C GLY A 228 -15.66 -7.16 -1.40
N GLY A 229 -16.81 -6.62 -1.01
CA GLY A 229 -17.25 -5.33 -1.51
C GLY A 229 -17.31 -5.33 -3.00
N TYR A 230 -16.93 -4.24 -3.62
CA TYR A 230 -17.15 -4.06 -5.03
C TYR A 230 -15.84 -3.83 -5.76
N HIS A 231 -15.68 -4.40 -6.95
CA HIS A 231 -14.44 -4.22 -7.68
C HIS A 231 -14.75 -4.07 -9.15
N GLY A 232 -15.86 -3.41 -9.51
CA GLY A 232 -16.33 -3.33 -10.91
C GLY A 232 -15.75 -2.09 -11.56
N GLY A 233 -15.93 -1.94 -12.87
CA GLY A 233 -15.57 -0.73 -13.63
C GLY A 233 -16.57 -0.45 -14.75
N VAL A 234 -16.80 0.77 -15.15
CA VAL A 234 -17.77 0.98 -16.25
C VAL A 234 -17.20 1.84 -17.32
N PRO A 235 -17.89 1.89 -18.42
CA PRO A 235 -17.41 2.67 -19.53
C PRO A 235 -17.32 4.17 -19.24
N ALA A 236 -16.36 4.82 -19.86
CA ALA A 236 -16.20 6.23 -19.76
C ALA A 236 -17.33 6.89 -20.54
N ASP A 237 -17.76 6.26 -21.62
CA ASP A 237 -18.86 6.75 -22.39
C ASP A 237 -20.05 6.42 -21.53
N GLY A 238 -20.56 7.42 -20.86
CA GLY A 238 -21.70 7.23 -19.98
C GLY A 238 -21.32 7.53 -18.56
N THR A 239 -20.14 8.07 -18.32
CA THR A 239 -19.64 8.32 -16.97
C THR A 239 -18.91 9.66 -17.01
N LEU A 240 -17.96 9.82 -17.93
CA LEU A 240 -17.34 11.11 -18.19
C LEU A 240 -18.09 11.88 -19.25
N SER A 241 -19.16 11.30 -19.77
CA SER A 241 -19.92 11.86 -20.79
C SER A 241 -21.33 11.23 -20.67
N HIS A 242 -22.23 11.61 -21.55
CA HIS A 242 -23.58 11.09 -21.54
C HIS A 242 -23.65 9.96 -22.55
N HIS A 243 -24.30 8.86 -22.22
CA HIS A 243 -24.51 7.80 -23.15
C HIS A 243 -25.93 7.92 -23.58
N ASN A 244 -26.12 8.20 -24.87
CA ASN A 244 -27.42 8.63 -25.39
C ASN A 244 -27.69 9.63 -24.32
N GLY A 245 -28.85 9.58 -23.70
CA GLY A 245 -29.20 10.66 -22.83
C GLY A 245 -28.67 10.65 -21.41
N ARG A 246 -28.18 9.52 -20.90
CA ARG A 246 -28.01 9.34 -19.45
C ARG A 246 -26.61 9.23 -18.90
N HIS A 247 -26.53 9.04 -17.59
CA HIS A 247 -25.30 9.24 -16.96
C HIS A 247 -24.82 8.15 -16.15
N ILE A 248 -25.47 7.02 -15.88
CA ILE A 248 -24.85 5.93 -14.99
C ILE A 248 -24.43 5.84 -13.52
N SER A 249 -25.40 5.91 -12.63
CA SER A 249 -25.19 6.11 -11.20
C SER A 249 -23.87 5.56 -10.63
N ARG A 250 -23.30 6.35 -9.76
CA ARG A 250 -22.26 5.91 -8.85
C ARG A 250 -22.67 4.82 -7.77
N GLU A 251 -23.96 4.49 -7.64
CA GLU A 251 -24.44 3.34 -6.83
C GLU A 251 -24.72 2.01 -7.67
N PHE A 252 -24.51 2.09 -9.00
CA PHE A 252 -24.77 1.01 -9.96
C PHE A 252 -23.92 -0.21 -9.74
N PHE A 253 -24.54 -1.38 -9.89
CA PHE A 253 -23.89 -2.65 -9.69
C PHE A 253 -23.99 -3.42 -10.99
N ASP A 254 -22.83 -3.74 -11.57
CA ASP A 254 -22.79 -4.34 -12.92
C ASP A 254 -23.00 -5.83 -12.87
N GLY A 255 -22.98 -6.44 -11.68
CA GLY A 255 -23.14 -7.89 -11.56
C GLY A 255 -24.52 -8.51 -11.49
N GLU A 256 -24.57 -9.77 -11.02
CA GLU A 256 -25.78 -10.47 -10.68
C GLU A 256 -25.79 -10.79 -9.20
N PRO A 257 -26.76 -10.26 -8.45
CA PRO A 257 -26.80 -10.55 -7.01
C PRO A 257 -26.84 -12.04 -6.63
N SER A 258 -27.53 -12.84 -7.41
CA SER A 258 -27.51 -14.26 -7.18
C SER A 258 -26.20 -14.98 -7.59
N LYS A 259 -25.18 -14.29 -8.14
CA LYS A 259 -23.87 -14.86 -8.42
C LYS A 259 -22.80 -13.82 -8.16
N ASP A 260 -22.74 -13.32 -6.94
CA ASP A 260 -21.70 -12.37 -6.57
C ASP A 260 -21.12 -12.89 -5.28
N ASP A 261 -19.96 -13.55 -5.28
CA ASP A 261 -19.29 -13.96 -4.03
C ASP A 261 -17.83 -13.62 -4.09
N PHE A 262 -17.28 -13.29 -2.93
CA PHE A 262 -15.84 -13.08 -2.81
C PHE A 262 -15.49 -13.48 -1.43
N ASP A 263 -14.92 -14.66 -1.28
CA ASP A 263 -14.61 -15.13 0.01
C ASP A 263 -13.10 -15.39 0.16
N ARG A 264 -12.49 -14.63 1.05
CA ARG A 264 -11.06 -14.62 1.20
C ARG A 264 -10.72 -15.05 2.63
N THR A 265 -9.82 -16.02 2.80
CA THR A 265 -9.36 -16.41 4.13
C THR A 265 -7.90 -16.30 4.08
N GLN A 266 -7.29 -15.56 4.97
CA GLN A 266 -5.87 -15.48 4.96
C GLN A 266 -5.25 -15.68 6.34
N ARG A 267 -4.34 -16.62 6.45
CA ARG A 267 -3.72 -16.97 7.72
C ARG A 267 -2.21 -16.80 7.62
N MET A 268 -1.63 -16.06 8.55
CA MET A 268 -0.18 -15.84 8.64
C MET A 268 0.36 -16.31 10.00
N PHE A 269 1.47 -17.04 9.97
CA PHE A 269 2.14 -17.54 11.16
C PHE A 269 3.59 -17.09 10.98
N GLY A 270 4.19 -16.38 11.92
CA GLY A 270 5.46 -15.73 11.65
C GLY A 270 6.30 -15.55 12.91
N TYR A 271 7.58 -15.18 12.77
CA TYR A 271 8.35 -14.86 13.93
C TYR A 271 9.50 -13.99 13.58
N GLN A 272 9.96 -13.27 14.60
CA GLN A 272 11.11 -12.38 14.52
C GLN A 272 12.01 -12.69 15.69
N LEU A 273 13.26 -13.00 15.39
CA LEU A 273 14.26 -13.32 16.40
C LEU A 273 15.31 -12.24 16.33
N GLU A 274 15.63 -11.64 17.46
CA GLU A 274 16.66 -10.58 17.57
C GLU A 274 17.73 -11.06 18.54
N HIS A 275 19.00 -10.90 18.16
CA HIS A 275 20.06 -11.47 18.96
C HIS A 275 21.29 -10.59 18.88
N ARG A 276 21.78 -10.22 20.05
CA ARG A 276 23.00 -9.44 20.20
C ARG A 276 24.11 -10.43 20.45
N ILE A 277 25.11 -10.40 19.59
CA ILE A 277 26.26 -11.30 19.65
C ILE A 277 27.41 -10.75 20.54
N ASP A 278 27.75 -9.47 20.35
CA ASP A 278 28.89 -8.76 20.96
C ASP A 278 28.40 -7.36 21.13
N ASP A 279 29.32 -6.51 21.57
CA ASP A 279 29.19 -5.05 21.40
C ASP A 279 29.22 -4.63 19.92
N VAL A 280 29.89 -5.37 19.05
CA VAL A 280 29.94 -5.02 17.64
C VAL A 280 28.77 -5.57 16.81
N TRP A 281 28.40 -6.85 17.03
CA TRP A 281 27.49 -7.54 16.11
C TRP A 281 26.10 -7.89 16.62
N SER A 282 25.14 -7.87 15.71
CA SER A 282 23.73 -8.22 15.93
C SER A 282 23.26 -9.11 14.84
N ALA A 283 22.28 -9.97 15.13
CA ALA A 283 21.63 -10.70 14.06
C ALA A 283 20.17 -10.69 14.26
N ARG A 284 19.48 -10.99 13.18
CA ARG A 284 18.07 -10.91 13.20
C ARG A 284 17.46 -11.77 12.12
N GLN A 285 16.42 -12.52 12.45
CA GLN A 285 15.79 -13.39 11.49
C GLN A 285 14.32 -13.06 11.51
N ASN A 286 13.76 -12.67 10.37
CA ASN A 286 12.31 -12.49 10.21
C ASN A 286 11.73 -13.54 9.29
N PHE A 287 10.59 -14.08 9.66
CA PHE A 287 9.94 -15.13 8.90
C PHE A 287 8.42 -15.10 8.95
N ARG A 288 7.74 -15.39 7.85
CA ARG A 288 6.29 -15.47 7.83
C ARG A 288 5.80 -16.46 6.79
N TYR A 289 4.77 -17.21 7.12
CA TYR A 289 4.18 -18.19 6.24
C TYR A 289 2.71 -17.79 5.98
N LEU A 290 2.25 -17.92 4.77
CA LEU A 290 0.93 -17.51 4.46
C LEU A 290 0.16 -18.58 3.75
N ASP A 291 -1.04 -18.88 4.21
CA ASP A 291 -1.89 -19.85 3.56
C ASP A 291 -3.17 -19.11 3.30
N SER A 292 -3.49 -18.87 2.05
CA SER A 292 -4.69 -18.14 1.73
C SER A 292 -5.65 -18.95 0.88
N ASP A 293 -6.88 -18.46 0.78
CA ASP A 293 -7.95 -19.10 0.01
C ASP A 293 -8.81 -18.05 -0.57
N VAL A 294 -9.06 -18.11 -1.86
CA VAL A 294 -9.99 -17.20 -2.46
C VAL A 294 -10.99 -18.01 -3.26
N ASP A 295 -12.24 -17.76 -2.98
CA ASP A 295 -13.30 -18.18 -3.84
C ASP A 295 -13.93 -16.95 -4.38
N LEU A 296 -14.18 -16.94 -5.66
CA LEU A 296 -14.74 -15.78 -6.24
C LEU A 296 -15.71 -16.19 -7.33
N SER A 297 -16.75 -15.38 -7.48
CA SER A 297 -17.79 -15.61 -8.46
C SER A 297 -18.42 -14.29 -8.93
N GLN A 298 -18.16 -13.84 -10.15
CA GLN A 298 -18.76 -12.58 -10.63
C GLN A 298 -18.98 -12.37 -12.09
N VAL A 299 -20.04 -11.62 -12.32
CA VAL A 299 -20.51 -11.16 -13.57
C VAL A 299 -20.04 -9.75 -13.58
N TYR A 300 -19.50 -9.30 -14.69
CA TYR A 300 -18.93 -7.95 -14.72
C TYR A 300 -19.09 -7.32 -16.13
N ALA A 301 -19.15 -5.99 -16.20
CA ALA A 301 -19.33 -5.31 -17.47
C ALA A 301 -18.02 -5.10 -18.18
N TYR A 302 -18.05 -5.22 -19.50
CA TYR A 302 -16.95 -4.93 -20.41
C TYR A 302 -17.55 -4.19 -21.62
N GLY A 303 -17.86 -2.90 -21.44
CA GLY A 303 -18.17 -2.02 -22.54
C GLY A 303 -19.62 -2.18 -22.90
N TRP A 304 -20.08 -1.34 -23.82
CA TRP A 304 -21.46 -1.39 -24.25
C TRP A 304 -21.66 -2.58 -25.14
N SER A 305 -22.81 -3.23 -25.05
CA SER A 305 -23.08 -4.34 -25.96
C SER A 305 -23.38 -3.72 -27.28
N ALA A 306 -22.87 -4.27 -28.36
CA ALA A 306 -23.03 -3.64 -29.65
C ALA A 306 -24.36 -3.86 -30.28
N SER A 307 -25.10 -4.88 -29.87
CA SER A 307 -26.40 -5.19 -30.51
C SER A 307 -27.58 -4.71 -29.69
N GLU A 308 -27.41 -4.39 -28.42
CA GLU A 308 -28.54 -4.05 -27.56
C GLU A 308 -28.09 -2.68 -27.20
N PRO A 309 -28.99 -1.71 -27.29
CA PRO A 309 -28.69 -0.30 -27.13
C PRO A 309 -28.18 0.23 -25.81
N ASN A 310 -28.99 0.17 -24.77
CA ASN A 310 -28.53 0.76 -23.53
C ASN A 310 -28.03 -0.23 -22.50
N LYS A 311 -27.47 -1.35 -22.96
CA LYS A 311 -27.00 -2.41 -22.08
C LYS A 311 -25.51 -2.68 -22.22
N LEU A 312 -24.93 -3.10 -21.09
CA LEU A 312 -23.51 -3.46 -20.97
C LEU A 312 -23.25 -4.93 -21.33
N ASN A 313 -22.25 -5.16 -22.21
CA ASN A 313 -21.78 -6.48 -22.62
C ASN A 313 -21.12 -6.97 -21.35
N ARG A 314 -21.37 -8.25 -20.97
CA ARG A 314 -20.91 -8.82 -19.67
C ARG A 314 -20.37 -10.27 -19.72
N TYR A 315 -19.43 -10.54 -18.84
CA TYR A 315 -18.89 -11.87 -18.69
C TYR A 315 -18.90 -12.33 -17.26
N PHE A 316 -18.61 -13.60 -17.13
CA PHE A 316 -18.46 -14.26 -15.88
C PHE A 316 -17.00 -14.54 -15.69
N SER A 317 -16.68 -14.68 -14.41
CA SER A 317 -15.34 -14.94 -13.98
C SER A 317 -15.48 -15.63 -12.61
N GLY A 318 -15.18 -16.94 -12.54
CA GLY A 318 -14.95 -17.62 -11.26
C GLY A 318 -13.54 -18.05 -10.94
N ALA A 319 -13.20 -18.20 -9.68
CA ALA A 319 -11.90 -18.70 -9.26
C ALA A 319 -11.98 -19.43 -7.93
N ARG A 320 -11.23 -20.51 -7.76
CA ARG A 320 -10.88 -21.08 -6.45
C ARG A 320 -9.39 -21.06 -6.49
N GLU A 321 -8.76 -20.35 -5.56
CA GLU A 321 -7.30 -20.26 -5.48
C GLU A 321 -6.78 -20.61 -4.07
N HIS A 322 -5.72 -21.43 -3.97
CA HIS A 322 -5.07 -21.76 -2.69
C HIS A 322 -3.68 -21.26 -2.85
N LEU A 323 -3.23 -20.33 -2.05
CA LEU A 323 -1.85 -19.82 -2.15
C LEU A 323 -1.10 -20.12 -0.87
N GLN A 324 0.11 -20.61 -0.98
CA GLN A 324 0.92 -20.95 0.15
C GLN A 324 2.26 -20.35 -0.12
N ALA A 325 2.81 -19.61 0.81
CA ALA A 325 3.98 -18.84 0.54
C ALA A 325 4.81 -18.72 1.78
N TYR A 326 6.11 -18.59 1.57
CA TYR A 326 6.99 -18.23 2.65
C TYR A 326 8.18 -17.34 2.38
N ILE A 327 8.50 -16.56 3.38
CA ILE A 327 9.50 -15.57 3.25
C ILE A 327 10.34 -15.47 4.52
N VAL A 328 11.66 -15.52 4.34
CA VAL A 328 12.60 -15.37 5.43
C VAL A 328 13.65 -14.37 5.06
N ASP A 329 14.10 -13.60 6.02
CA ASP A 329 15.17 -12.59 5.82
C ASP A 329 16.15 -12.71 7.00
N ASN A 330 17.45 -12.93 6.67
CA ASN A 330 18.56 -13.03 7.63
C ASN A 330 19.52 -11.90 7.47
N MET A 331 19.87 -11.30 8.58
CA MET A 331 20.59 -10.08 8.63
C MET A 331 21.64 -10.25 9.71
N LEU A 332 22.78 -9.69 9.47
CA LEU A 332 23.86 -9.72 10.40
C LEU A 332 24.50 -8.33 10.25
N GLN A 333 24.68 -7.57 11.33
CA GLN A 333 25.12 -6.13 11.25
C GLN A 333 26.21 -5.81 12.27
N ALA A 334 27.09 -4.91 11.89
CA ALA A 334 28.24 -4.56 12.73
C ALA A 334 28.29 -3.06 12.82
N GLU A 335 28.58 -2.56 14.02
CA GLU A 335 28.80 -1.16 14.33
C GLU A 335 30.25 -1.07 14.80
N PHE A 336 31.10 -0.38 14.05
CA PHE A 336 32.47 -0.24 14.42
C PHE A 336 33.01 1.05 13.79
N ALA A 337 34.16 1.48 14.30
CA ALA A 337 34.86 2.70 13.89
C ALA A 337 36.22 2.37 13.24
N THR A 338 36.49 3.04 12.12
CA THR A 338 37.83 3.10 11.52
C THR A 338 38.31 4.57 11.67
N GLY A 339 38.99 4.91 12.74
CA GLY A 339 39.43 6.28 12.93
C GLY A 339 38.26 7.24 13.21
N ALA A 340 38.08 8.26 12.36
CA ALA A 340 37.02 9.25 12.50
C ALA A 340 35.62 8.76 12.04
N ALA A 341 35.61 7.75 11.17
CA ALA A 341 34.38 7.19 10.58
C ALA A 341 33.69 6.03 11.35
N ARG A 342 32.39 6.22 11.57
CA ARG A 342 31.52 5.24 12.12
C ARG A 342 30.99 4.41 10.95
N HIS A 343 31.06 3.08 11.02
CA HIS A 343 30.44 2.18 10.04
C HIS A 343 29.29 1.39 10.71
N THR A 344 28.22 1.18 9.95
CA THR A 344 27.11 0.25 10.21
C THR A 344 26.99 -0.71 8.99
N LEU A 345 27.70 -1.83 9.05
CA LEU A 345 27.81 -2.78 7.94
C LEU A 345 26.75 -3.86 8.10
N LEU A 346 25.93 -4.05 7.08
CA LEU A 346 24.87 -5.06 7.04
C LEU A 346 25.09 -6.07 5.90
N THR A 347 24.90 -7.36 6.17
CA THR A 347 24.79 -8.34 5.11
C THR A 347 23.57 -9.16 5.37
N GLY A 348 22.98 -9.68 4.33
CA GLY A 348 21.89 -10.56 4.63
C GLY A 348 21.53 -11.40 3.50
N LEU A 349 20.67 -12.32 3.77
CA LEU A 349 20.32 -13.28 2.82
C LEU A 349 18.85 -13.39 2.99
N ASP A 350 18.09 -13.09 1.93
CA ASP A 350 16.67 -13.42 1.97
C ASP A 350 16.25 -14.44 0.94
N TYR A 351 15.08 -15.01 1.19
CA TYR A 351 14.50 -16.06 0.43
C TYR A 351 12.96 -16.01 0.45
N GLN A 352 12.34 -16.08 -0.72
CA GLN A 352 10.91 -16.06 -0.90
C GLN A 352 10.52 -17.29 -1.73
N ARG A 353 9.38 -17.88 -1.44
CA ARG A 353 8.89 -19.01 -2.14
C ARG A 353 7.40 -19.05 -2.09
N ARG A 354 6.75 -19.16 -3.25
CA ARG A 354 5.29 -18.99 -3.36
C ARG A 354 4.70 -19.98 -4.35
N ARG A 355 3.66 -20.69 -3.96
CA ARG A 355 2.90 -21.57 -4.82
C ARG A 355 1.46 -21.13 -4.82
N THR A 356 0.79 -21.17 -5.96
CA THR A 356 -0.60 -20.73 -6.06
C THR A 356 -1.31 -21.63 -6.99
N VAL A 357 -2.37 -22.24 -6.54
CA VAL A 357 -3.11 -23.20 -7.33
C VAL A 357 -4.40 -22.57 -7.68
N VAL A 358 -4.73 -22.57 -8.92
CA VAL A 358 -5.73 -21.60 -9.41
C VAL A 358 -6.61 -22.36 -10.38
N ASP A 359 -7.90 -22.43 -10.12
CA ASP A 359 -8.87 -23.04 -11.03
C ASP A 359 -9.79 -21.94 -11.48
N TRP A 360 -9.72 -21.58 -12.73
CA TRP A 360 -10.43 -20.38 -13.20
C TRP A 360 -11.53 -20.81 -14.16
N ARG A 361 -12.75 -20.33 -13.95
CA ARG A 361 -13.88 -20.57 -14.84
C ARG A 361 -14.13 -19.16 -15.43
N SER A 362 -14.81 -19.07 -16.56
CA SER A 362 -15.12 -17.78 -17.22
C SER A 362 -16.25 -18.00 -18.25
N GLY A 363 -16.70 -17.01 -18.97
CA GLY A 363 -17.87 -17.23 -19.88
C GLY A 363 -18.65 -15.95 -20.05
N SER A 364 -19.73 -16.01 -20.78
CA SER A 364 -20.50 -14.80 -21.07
C SER A 364 -21.82 -14.79 -20.33
N ALA A 365 -22.29 -13.59 -20.02
CA ALA A 365 -23.52 -13.37 -19.29
C ALA A 365 -24.48 -12.53 -20.13
N SER A 366 -25.77 -12.64 -19.89
CA SER A 366 -26.72 -11.67 -20.48
C SER A 366 -26.31 -10.21 -20.24
N ALA A 367 -26.67 -9.36 -21.20
CA ALA A 367 -26.49 -7.92 -21.05
C ALA A 367 -27.45 -7.33 -20.04
N LEU A 368 -27.03 -6.20 -19.48
CA LEU A 368 -27.66 -5.54 -18.40
C LEU A 368 -27.84 -4.07 -18.70
N ASP A 369 -29.07 -3.59 -18.52
CA ASP A 369 -29.36 -2.18 -18.62
C ASP A 369 -28.53 -1.38 -17.59
N ALA A 370 -27.80 -0.35 -18.07
CA ALA A 370 -26.96 0.52 -17.23
C ALA A 370 -27.71 1.57 -16.39
N PHE A 371 -28.97 1.84 -16.69
CA PHE A 371 -29.74 2.80 -15.87
C PHE A 371 -31.04 2.12 -15.92
N ASN A 372 -31.61 1.64 -14.82
CA ASN A 372 -32.70 0.59 -14.74
C ASN A 372 -32.31 -0.79 -15.04
N PRO A 373 -31.27 -1.27 -14.39
CA PRO A 373 -31.07 -2.72 -14.47
C PRO A 373 -32.23 -3.56 -13.96
N VAL A 374 -32.40 -4.74 -14.57
CA VAL A 374 -33.29 -5.79 -14.11
C VAL A 374 -32.41 -7.02 -13.88
N TYR A 375 -32.15 -7.32 -12.61
CA TYR A 375 -31.31 -8.47 -12.24
C TYR A 375 -32.10 -9.74 -12.30
N GLY A 376 -31.44 -10.87 -12.17
CA GLY A 376 -32.14 -12.15 -12.27
C GLY A 376 -31.66 -13.08 -13.37
N ASP A 377 -31.28 -12.53 -14.54
CA ASP A 377 -30.83 -13.32 -15.69
C ASP A 377 -29.33 -13.74 -15.55
N ASP A 378 -29.13 -14.75 -14.73
CA ASP A 378 -27.82 -15.10 -14.31
C ASP A 378 -27.23 -16.34 -14.99
N ALA A 379 -27.86 -16.83 -16.03
CA ALA A 379 -27.38 -18.02 -16.76
C ALA A 379 -26.05 -17.72 -17.46
N ILE A 380 -25.03 -18.51 -17.21
CA ILE A 380 -23.69 -18.27 -17.84
C ILE A 380 -23.40 -19.24 -18.93
N SER A 381 -22.70 -18.77 -19.93
CA SER A 381 -22.44 -19.58 -21.05
C SER A 381 -20.93 -19.76 -21.12
N TYR A 382 -20.51 -20.91 -20.60
CA TYR A 382 -19.14 -21.04 -20.16
C TYR A 382 -18.10 -21.20 -21.27
N PHE A 383 -16.95 -20.55 -21.15
CA PHE A 383 -15.80 -20.89 -21.95
C PHE A 383 -15.01 -22.07 -21.33
N PRO A 384 -14.00 -22.59 -22.08
CA PRO A 384 -13.09 -23.61 -21.53
C PRO A 384 -12.39 -23.21 -20.25
N ASP A 385 -12.23 -24.17 -19.32
CA ASP A 385 -11.59 -23.89 -18.04
C ASP A 385 -10.10 -23.70 -18.17
N ASP A 386 -9.53 -23.10 -17.14
CA ASP A 386 -8.19 -22.62 -17.24
C ASP A 386 -7.53 -22.83 -15.88
N ASN A 387 -6.82 -23.93 -15.76
CA ASN A 387 -6.27 -24.30 -14.46
C ASN A 387 -4.76 -24.25 -14.47
N HIS A 388 -4.19 -23.68 -13.41
CA HIS A 388 -2.79 -23.46 -13.34
C HIS A 388 -2.25 -23.72 -11.95
N THR A 389 -1.03 -24.14 -11.92
CA THR A 389 -0.20 -23.99 -10.77
C THR A 389 0.92 -22.96 -11.06
N ARG A 390 1.19 -22.05 -10.15
CA ARG A 390 2.17 -20.99 -10.36
C ARG A 390 3.10 -20.87 -9.21
N ARG A 391 4.38 -20.93 -9.49
CA ARG A 391 5.36 -20.82 -8.44
C ARG A 391 6.28 -19.63 -8.72
N LEU A 392 6.73 -18.96 -7.67
CA LEU A 392 7.84 -18.04 -7.72
C LEU A 392 8.80 -18.27 -6.56
N GLU A 393 10.05 -17.97 -6.78
CA GLU A 393 11.13 -18.13 -5.85
C GLU A 393 12.12 -16.95 -6.09
N GLN A 394 12.57 -16.28 -5.04
CA GLN A 394 13.58 -15.26 -5.16
C GLN A 394 14.50 -15.43 -4.00
N THR A 395 15.78 -15.23 -4.30
CA THR A 395 16.83 -15.35 -3.31
C THR A 395 17.75 -14.14 -3.49
N GLY A 396 18.02 -13.43 -2.41
CA GLY A 396 18.90 -12.30 -2.44
C GLY A 396 20.04 -12.45 -1.46
N VAL A 397 21.20 -11.96 -1.88
CA VAL A 397 22.35 -11.73 -1.00
C VAL A 397 22.63 -10.25 -1.08
N TYR A 398 22.75 -9.55 0.03
CA TYR A 398 22.91 -8.10 -0.03
C TYR A 398 23.90 -7.58 0.99
N LEU A 399 24.51 -6.46 0.64
CA LEU A 399 25.47 -5.82 1.51
C LEU A 399 25.18 -4.32 1.57
N GLN A 400 25.18 -3.73 2.75
CA GLN A 400 25.08 -2.30 2.88
C GLN A 400 26.12 -1.75 3.83
N ASP A 401 26.68 -0.59 3.51
CA ASP A 401 27.44 0.20 4.51
C ASP A 401 26.93 1.62 4.61
N LEU A 402 26.64 2.03 5.84
CA LEU A 402 26.28 3.40 6.21
C LEU A 402 27.51 3.94 6.86
N ILE A 403 28.15 4.93 6.25
CA ILE A 403 29.39 5.51 6.79
C ILE A 403 29.05 6.89 7.29
N ASP A 404 29.30 7.13 8.57
CA ASP A 404 29.15 8.47 9.19
C ASP A 404 30.54 9.11 9.41
N ILE A 405 30.69 10.38 9.05
CA ILE A 405 31.97 11.02 9.22
C ILE A 405 31.80 12.50 9.11
N ASP A 406 32.22 13.19 10.18
CA ASP A 406 31.97 14.60 10.40
C ASP A 406 30.49 14.85 10.25
N GLN A 407 30.08 15.75 9.38
CA GLN A 407 28.68 16.01 9.14
C GLN A 407 28.08 15.27 7.93
N TRP A 408 28.85 14.36 7.32
CA TRP A 408 28.37 13.54 6.21
C TRP A 408 27.81 12.24 6.66
N ARG A 409 26.72 11.85 6.01
CA ARG A 409 26.16 10.50 6.08
C ARG A 409 26.18 9.90 4.70
N PHE A 410 26.89 8.79 4.57
CA PHE A 410 27.02 8.10 3.29
C PHE A 410 26.31 6.75 3.33
N SER A 411 26.05 6.24 2.15
CA SER A 411 25.31 4.99 2.00
C SER A 411 25.71 4.15 0.77
N LEU A 412 26.13 2.89 0.95
CA LEU A 412 26.45 2.00 -0.18
C LEU A 412 25.70 0.69 -0.06
N GLY A 413 25.11 0.23 -1.13
CA GLY A 413 24.51 -1.09 -1.12
C GLY A 413 24.64 -1.85 -2.40
N LEU A 414 24.81 -3.17 -2.30
CA LEU A 414 24.75 -4.09 -3.44
C LEU A 414 23.88 -5.26 -3.13
N ARG A 415 23.33 -5.85 -4.16
CA ARG A 415 22.53 -7.04 -3.96
C ARG A 415 22.53 -7.96 -5.18
N GLN A 416 22.68 -9.25 -4.97
CA GLN A 416 22.54 -10.16 -6.06
C GLN A 416 21.24 -10.90 -5.90
N ASP A 417 20.45 -11.00 -6.94
CA ASP A 417 19.17 -11.68 -6.86
C ASP A 417 19.04 -12.78 -7.86
N TRP A 418 18.24 -13.76 -7.49
CA TRP A 418 17.96 -14.87 -8.33
C TRP A 418 16.47 -15.04 -8.32
N VAL A 419 15.83 -14.98 -9.47
CA VAL A 419 14.40 -15.22 -9.52
C VAL A 419 14.07 -16.36 -10.46
N SER A 420 13.34 -17.33 -9.98
CA SER A 420 12.71 -18.31 -10.85
C SER A 420 11.15 -18.17 -10.79
N VAL A 421 10.46 -18.24 -11.96
CA VAL A 421 9.01 -18.38 -11.98
C VAL A 421 8.62 -19.46 -12.88
N THR A 422 7.52 -20.17 -12.60
CA THR A 422 7.04 -21.22 -13.47
C THR A 422 5.54 -21.30 -13.37
N ASP A 423 4.92 -21.60 -14.50
CA ASP A 423 3.49 -21.76 -14.62
C ASP A 423 3.24 -23.15 -15.26
N LYS A 424 2.60 -24.06 -14.54
CA LYS A 424 2.10 -25.28 -15.13
C LYS A 424 0.63 -25.02 -15.51
N ASN A 425 0.27 -25.34 -16.74
CA ASN A 425 -1.10 -25.24 -17.18
C ASN A 425 -1.66 -26.64 -17.04
N ARG A 426 -2.32 -26.85 -15.94
CA ARG A 426 -2.92 -28.11 -15.65
C ARG A 426 -4.09 -28.40 -16.60
N SER A 427 -4.58 -27.42 -17.36
CA SER A 427 -5.69 -27.66 -18.31
C SER A 427 -5.13 -28.22 -19.59
N THR A 428 -4.08 -27.63 -20.16
CA THR A 428 -3.53 -28.08 -21.44
C THR A 428 -2.28 -28.92 -21.41
N GLY A 429 -1.71 -29.24 -20.27
CA GLY A 429 -0.44 -29.96 -20.25
C GLY A 429 0.81 -29.07 -20.23
N SER A 430 0.82 -27.99 -21.00
CA SER A 430 2.04 -27.15 -21.18
C SER A 430 2.63 -26.50 -19.87
N LYS A 431 3.90 -26.13 -19.91
CA LYS A 431 4.66 -25.58 -18.75
C LYS A 431 5.60 -24.41 -19.17
N ALA A 432 5.61 -23.29 -18.47
CA ALA A 432 6.57 -22.21 -18.64
C ALA A 432 7.52 -22.35 -17.46
N ASP A 433 8.79 -22.04 -17.67
CA ASP A 433 9.81 -22.21 -16.66
C ASP A 433 10.97 -21.32 -17.06
N ASP A 434 11.19 -20.22 -16.33
CA ASP A 434 12.09 -19.14 -16.67
C ASP A 434 12.79 -18.60 -15.41
N ASP A 435 14.03 -18.19 -15.56
CA ASP A 435 14.79 -17.71 -14.45
C ASP A 435 15.74 -16.58 -14.74
N TRP A 436 15.84 -15.61 -13.84
CA TRP A 436 16.70 -14.47 -14.05
C TRP A 436 17.56 -14.20 -12.85
N GLU A 437 18.71 -13.65 -13.08
CA GLU A 437 19.60 -13.31 -12.00
C GLU A 437 19.84 -11.82 -12.21
N LYS A 438 19.71 -11.02 -11.17
CA LYS A 438 19.85 -9.58 -11.31
C LYS A 438 20.71 -8.90 -10.29
N PHE A 439 21.40 -7.86 -10.70
CA PHE A 439 22.32 -7.10 -9.80
C PHE A 439 21.88 -5.67 -9.58
N THR A 440 21.78 -5.22 -8.34
CA THR A 440 21.32 -3.86 -8.07
C THR A 440 22.28 -3.17 -7.14
N GLY A 441 22.29 -1.85 -7.19
CA GLY A 441 23.24 -1.02 -6.46
C GLY A 441 22.51 0.22 -6.02
N ARG A 442 22.88 0.76 -4.88
CA ARG A 442 22.45 2.07 -4.45
C ARG A 442 23.63 2.84 -3.83
N ILE A 443 23.66 4.15 -4.03
CA ILE A 443 24.68 4.99 -3.44
C ILE A 443 24.03 6.33 -3.04
N GLY A 444 24.28 6.78 -1.80
CA GLY A 444 23.71 8.02 -1.29
C GLY A 444 24.72 8.79 -0.47
N ALA A 445 24.51 10.09 -0.40
CA ALA A 445 25.37 11.05 0.28
C ALA A 445 24.47 12.16 0.75
N LEU A 446 24.59 12.48 2.01
CA LEU A 446 23.83 13.56 2.65
C LEU A 446 24.77 14.38 3.52
N TYR A 447 24.40 15.60 3.79
CA TYR A 447 25.28 16.50 4.55
C TYR A 447 24.43 17.18 5.58
N LEU A 448 24.84 17.07 6.84
CA LEU A 448 24.04 17.51 7.93
C LEU A 448 24.58 18.83 8.54
N PHE A 449 24.05 19.95 8.05
CA PHE A 449 24.33 21.25 8.64
C PHE A 449 23.89 21.42 10.10
N ASP A 450 24.70 22.28 10.72
CA ASP A 450 24.77 22.67 12.12
C ASP A 450 23.32 23.20 12.48
N ASN A 451 22.70 24.01 11.62
CA ASN A 451 21.33 24.59 11.83
C ASN A 451 20.11 23.76 11.57
N GLY A 452 20.28 22.50 11.14
CA GLY A 452 19.15 21.54 10.88
C GLY A 452 18.75 21.25 9.43
N LEU A 453 19.50 21.80 8.48
CA LEU A 453 19.32 21.57 7.03
C LEU A 453 20.14 20.37 6.54
N ALA A 454 19.63 19.65 5.55
CA ALA A 454 20.26 18.37 5.12
C ALA A 454 19.99 18.14 3.65
N PRO A 455 20.81 18.72 2.77
CA PRO A 455 20.81 18.33 1.38
C PRO A 455 21.35 16.91 1.21
N TYR A 456 20.84 16.19 0.22
CA TYR A 456 21.32 14.87 -0.13
C TYR A 456 21.07 14.56 -1.59
N VAL A 457 21.93 13.73 -2.13
CA VAL A 457 21.79 13.18 -3.47
C VAL A 457 21.84 11.64 -3.34
N SER A 458 21.22 10.95 -4.26
CA SER A 458 21.08 9.50 -4.17
C SER A 458 20.89 8.93 -5.56
N TYR A 459 21.47 7.74 -5.79
CA TYR A 459 21.35 6.99 -7.04
C TYR A 459 20.91 5.59 -6.68
N SER A 460 20.08 4.93 -7.47
CA SER A 460 19.39 3.77 -6.97
C SER A 460 18.65 3.01 -8.01
N GLU A 461 18.46 1.71 -7.76
CA GLU A 461 17.98 0.70 -8.73
C GLU A 461 16.91 -0.27 -8.24
N SER A 462 16.10 -0.70 -9.20
CA SER A 462 15.11 -1.70 -9.03
C SER A 462 15.02 -2.63 -10.22
N PHE A 463 14.56 -3.83 -9.95
CA PHE A 463 14.04 -4.76 -10.98
C PHE A 463 12.73 -5.46 -10.52
N ASN A 464 11.97 -5.87 -11.52
CA ASN A 464 10.75 -6.55 -11.26
C ASN A 464 10.37 -7.44 -12.40
N PRO A 465 10.00 -8.70 -12.10
CA PRO A 465 9.60 -9.61 -13.17
C PRO A 465 8.44 -9.11 -14.01
N ASN A 466 8.56 -9.23 -15.31
CA ASN A 466 7.67 -8.62 -16.27
C ASN A 466 6.36 -9.38 -16.27
N ALA A 467 5.24 -8.67 -16.29
CA ALA A 467 3.93 -9.35 -16.29
C ALA A 467 3.53 -9.92 -17.65
N TYR A 468 4.27 -9.62 -18.72
CA TYR A 468 3.78 -9.86 -20.05
C TYR A 468 4.66 -10.82 -20.82
N SER A 469 4.19 -11.32 -21.96
CA SER A 469 4.92 -12.36 -22.71
C SER A 469 5.04 -12.09 -24.20
N ASP A 470 5.91 -12.84 -24.86
CA ASP A 470 6.15 -12.66 -26.27
C ASP A 470 5.32 -13.62 -27.14
N ALA A 471 5.60 -13.65 -28.42
CA ALA A 471 4.78 -14.42 -29.29
C ALA A 471 4.79 -15.91 -28.98
N SER A 472 5.92 -16.44 -28.49
CA SER A 472 5.99 -17.85 -28.13
C SER A 472 5.42 -18.16 -26.73
N GLY A 473 4.84 -17.19 -26.04
CA GLY A 473 4.33 -17.44 -24.69
C GLY A 473 5.35 -17.34 -23.56
N THR A 474 6.65 -17.20 -23.84
CA THR A 474 7.67 -16.86 -22.82
C THR A 474 7.56 -15.44 -22.18
N PRO A 475 7.72 -15.34 -20.87
CA PRO A 475 7.77 -14.04 -20.23
C PRO A 475 8.87 -13.12 -20.74
N LEU A 476 8.63 -11.82 -20.70
CA LEU A 476 9.68 -10.95 -21.08
C LEU A 476 10.67 -10.82 -19.95
N ALA A 477 11.78 -10.20 -20.24
CA ALA A 477 12.79 -9.97 -19.22
C ALA A 477 12.25 -9.01 -18.16
N PRO A 478 12.77 -9.10 -16.94
CA PRO A 478 12.34 -8.16 -15.91
C PRO A 478 12.50 -6.67 -16.28
N THR A 479 11.73 -5.81 -15.65
CA THR A 479 11.80 -4.39 -15.88
C THR A 479 12.89 -3.89 -14.94
N GLU A 480 13.60 -2.81 -15.32
CA GLU A 480 14.66 -2.22 -14.52
C GLU A 480 14.31 -0.77 -14.31
N GLY A 481 14.32 -0.38 -13.05
CA GLY A 481 14.24 1.04 -12.68
C GLY A 481 15.57 1.64 -12.25
N LYS A 482 15.82 2.89 -12.62
CA LYS A 482 17.00 3.63 -12.14
C LYS A 482 16.55 5.04 -11.82
N GLN A 483 17.02 5.59 -10.71
CA GLN A 483 16.58 6.86 -10.18
C GLN A 483 17.79 7.67 -9.68
N TRP A 484 17.77 8.96 -10.00
CA TRP A 484 18.60 10.00 -9.36
C TRP A 484 17.60 10.84 -8.62
N GLU A 485 17.89 11.05 -7.33
CA GLU A 485 17.03 11.84 -6.49
C GLU A 485 17.94 12.87 -5.91
N LEU A 486 17.42 14.06 -5.69
CA LEU A 486 18.17 15.17 -5.15
C LEU A 486 17.18 15.78 -4.18
N GLY A 487 17.59 15.98 -2.93
CA GLY A 487 16.59 16.26 -1.89
C GLY A 487 17.06 17.20 -0.82
N LEU A 488 16.10 17.78 -0.12
CA LEU A 488 16.38 18.74 0.94
C LEU A 488 15.47 18.46 2.15
N LYS A 489 16.05 18.26 3.31
CA LYS A 489 15.26 18.02 4.49
C LYS A 489 15.58 19.09 5.51
N PHE A 490 14.60 19.53 6.28
CA PHE A 490 14.83 20.53 7.34
C PHE A 490 14.04 20.25 8.61
N GLN A 491 14.72 20.31 9.74
CA GLN A 491 14.04 20.40 11.03
C GLN A 491 14.72 21.43 11.87
N ALA A 492 13.99 22.43 12.40
CA ALA A 492 14.65 23.37 13.34
C ALA A 492 14.95 22.62 14.67
N PRO A 493 16.26 22.62 15.16
CA PRO A 493 16.72 22.11 16.48
C PRO A 493 15.68 22.04 17.65
N GLY A 494 15.21 23.18 18.17
CA GLY A 494 14.09 23.16 19.14
C GLY A 494 12.85 22.39 18.67
N SER A 495 12.15 22.94 17.65
CA SER A 495 10.77 22.57 17.24
C SER A 495 10.44 21.07 16.97
N ASN A 496 9.13 20.79 16.99
CA ASN A 496 8.55 19.53 16.48
C ASN A 496 7.91 19.71 15.06
N SER A 497 8.67 20.29 14.14
CA SER A 497 8.25 20.49 12.74
C SER A 497 9.27 19.83 11.81
N PHE A 498 8.88 19.48 10.57
CA PHE A 498 9.74 18.76 9.63
C PHE A 498 9.30 19.07 8.23
N TYR A 499 10.26 19.35 7.34
CA TYR A 499 10.03 19.78 5.95
C TYR A 499 10.97 19.06 4.97
N THR A 500 10.47 18.78 3.76
CA THR A 500 11.13 17.89 2.78
C THR A 500 10.86 18.34 1.39
N ALA A 501 11.88 18.33 0.56
CA ALA A 501 11.74 18.55 -0.86
C ALA A 501 12.55 17.50 -1.64
N SER A 502 11.97 16.91 -2.67
CA SER A 502 12.61 15.86 -3.47
C SER A 502 12.35 16.17 -4.92
N LEU A 503 13.41 16.16 -5.70
CA LEU A 503 13.37 16.27 -7.14
C LEU A 503 13.88 14.92 -7.59
N PHE A 504 13.24 14.26 -8.54
CA PHE A 504 13.62 12.88 -8.88
C PHE A 504 13.48 12.64 -10.35
N HIS A 505 14.22 11.67 -10.84
CA HIS A 505 14.14 11.31 -12.24
C HIS A 505 14.27 9.79 -12.31
N ILE A 506 13.25 9.13 -12.82
CA ILE A 506 13.18 7.68 -12.78
C ILE A 506 13.06 7.25 -14.21
N THR A 507 13.77 6.19 -14.53
CA THR A 507 13.72 5.56 -15.85
C THR A 507 13.27 4.17 -15.62
N GLN A 508 12.29 3.71 -16.41
CA GLN A 508 11.87 2.29 -16.39
C GLN A 508 12.12 1.70 -17.75
N GLU A 509 12.93 0.65 -17.83
CA GLU A 509 13.27 -0.01 -19.11
C GLU A 509 12.63 -1.40 -19.16
N ASN A 510 12.64 -1.98 -20.32
CA ASN A 510 12.07 -3.28 -20.60
C ASN A 510 10.56 -3.36 -20.45
N VAL A 511 9.88 -2.22 -20.60
CA VAL A 511 8.43 -2.23 -20.44
C VAL A 511 7.86 -2.86 -21.68
N ALA A 512 6.79 -3.62 -21.51
CA ALA A 512 6.11 -4.28 -22.60
C ALA A 512 5.46 -3.34 -23.59
N SER A 513 5.54 -3.66 -24.88
CA SER A 513 4.96 -2.84 -25.93
C SER A 513 4.48 -3.70 -27.08
N LYS A 514 3.37 -3.31 -27.63
CA LYS A 514 2.72 -4.06 -28.65
C LYS A 514 2.24 -3.21 -29.79
N GLU A 515 2.35 -3.69 -30.99
CA GLU A 515 1.75 -2.98 -32.08
C GLU A 515 0.30 -3.31 -31.83
N PRO A 516 -0.58 -2.34 -31.88
CA PRO A 516 -2.03 -2.53 -31.72
C PRO A 516 -2.71 -3.75 -32.34
N GLN A 517 -2.28 -4.23 -33.50
CA GLN A 517 -2.84 -5.38 -34.13
C GLN A 517 -2.44 -6.62 -33.39
N ASP A 518 -1.23 -6.63 -32.90
CA ASP A 518 -0.71 -7.77 -32.20
C ASP A 518 -1.33 -8.00 -30.86
N ASN A 519 -1.30 -9.24 -30.42
CA ASN A 519 -1.76 -9.56 -29.08
C ASN A 519 -0.60 -10.13 -28.20
N PHE A 520 0.64 -9.87 -28.58
CA PHE A 520 1.77 -10.37 -27.82
C PHE A 520 2.72 -9.17 -27.71
N TYR A 521 3.53 -9.13 -26.67
CA TYR A 521 4.33 -7.97 -26.41
C TYR A 521 5.80 -8.16 -26.72
N THR A 522 6.53 -7.06 -26.71
CA THR A 522 8.00 -7.10 -26.77
C THR A 522 8.49 -6.08 -25.79
N SER A 523 9.62 -6.35 -25.13
CA SER A 523 10.10 -5.48 -24.06
C SER A 523 10.89 -4.28 -24.55
N VAL A 524 10.28 -3.43 -25.33
CA VAL A 524 11.02 -2.44 -26.02
C VAL A 524 10.62 -0.98 -25.68
N GLY A 525 9.70 -0.84 -24.72
CA GLY A 525 9.27 0.41 -24.23
C GLY A 525 10.02 0.87 -23.03
N GLU A 526 9.82 2.13 -22.73
CA GLU A 526 10.46 2.84 -21.68
C GLU A 526 9.52 3.92 -21.14
N VAL A 527 9.67 4.18 -19.86
CA VAL A 527 8.92 5.17 -19.13
C VAL A 527 9.88 6.03 -18.34
N ARG A 528 9.57 7.29 -18.25
CA ARG A 528 10.36 8.26 -17.54
C ARG A 528 9.42 9.01 -16.62
N SER A 529 9.75 9.09 -15.32
CA SER A 529 8.95 9.82 -14.38
C SER A 529 9.89 10.73 -13.63
N GLN A 530 9.54 12.02 -13.64
CA GLN A 530 10.33 13.02 -12.95
C GLN A 530 9.41 14.00 -12.29
N GLY A 531 9.80 14.53 -11.14
CA GLY A 531 8.92 15.49 -10.54
C GLY A 531 9.48 16.08 -9.29
N LEU A 532 8.61 16.73 -8.55
CA LEU A 532 8.95 17.37 -7.29
C LEU A 532 7.94 17.01 -6.19
N GLU A 533 8.43 16.59 -5.02
CA GLU A 533 7.56 16.31 -3.88
C GLU A 533 7.88 17.27 -2.75
N LEU A 534 6.88 17.97 -2.21
CA LEU A 534 7.04 18.78 -0.96
C LEU A 534 6.24 18.18 0.21
N GLU A 535 6.80 18.15 1.43
CA GLU A 535 6.05 17.59 2.57
C GLU A 535 6.31 18.47 3.77
N ALA A 536 5.28 18.95 4.45
CA ALA A 536 5.43 19.74 5.67
C ALA A 536 4.66 19.05 6.81
N HIS A 537 5.30 18.89 7.96
CA HIS A 537 4.57 18.56 9.20
C HIS A 537 4.80 19.66 10.18
N THR A 538 3.78 20.35 10.65
CA THR A 538 4.06 21.53 11.48
C THR A 538 3.33 21.44 12.81
N GLN A 539 4.07 21.66 13.88
CA GLN A 539 3.49 21.94 15.20
C GLN A 539 3.34 23.51 15.36
N LEU A 540 2.21 24.09 14.94
CA LEU A 540 2.06 25.58 14.96
C LEU A 540 1.92 26.13 16.43
N SER A 541 1.27 25.38 17.33
CA SER A 541 1.40 25.57 18.81
C SER A 541 1.37 24.18 19.46
N ASP A 542 1.00 24.05 20.74
CA ASP A 542 0.72 22.71 21.35
C ASP A 542 -0.71 22.20 21.08
N ASN A 543 -1.53 23.01 20.44
CA ASN A 543 -2.89 22.60 20.18
C ASN A 543 -3.18 22.33 18.73
N LEU A 544 -2.24 22.62 17.86
CA LEU A 544 -2.51 22.55 16.42
C LEU A 544 -1.44 21.80 15.64
N LYS A 545 -1.80 20.68 15.00
CA LYS A 545 -0.93 19.88 14.14
C LYS A 545 -1.35 20.19 12.69
N LEU A 546 -0.39 20.39 11.77
CA LEU A 546 -0.63 20.45 10.29
C LEU A 546 0.16 19.42 9.52
N LEU A 547 -0.41 18.90 8.42
CA LEU A 547 0.32 18.16 7.35
C LEU A 547 0.07 18.82 6.04
N GLY A 548 1.07 19.00 5.22
CA GLY A 548 0.88 19.65 3.92
C GLY A 548 1.68 18.85 2.92
N SER A 549 1.14 18.71 1.73
CA SER A 549 1.89 18.07 0.66
C SER A 549 1.62 18.75 -0.69
N TYR A 550 2.59 18.71 -1.58
CA TYR A 550 2.39 19.08 -2.95
C TYR A 550 3.29 18.15 -3.82
N THR A 551 2.84 17.84 -5.01
CA THR A 551 3.44 16.80 -5.81
C THR A 551 3.26 17.24 -7.25
N TYR A 552 4.37 17.28 -7.99
CA TYR A 552 4.35 17.53 -9.42
C TYR A 552 4.93 16.28 -10.10
N THR A 553 4.18 15.62 -11.00
CA THR A 553 4.69 14.38 -11.59
C THR A 553 4.51 14.45 -13.09
N ASP A 554 5.65 14.48 -13.78
CA ASP A 554 5.71 14.39 -15.21
C ASP A 554 6.22 13.00 -15.61
N ILE A 555 5.27 12.12 -15.90
CA ILE A 555 5.58 10.79 -16.34
C ILE A 555 5.13 10.61 -17.77
N THR A 556 6.00 10.11 -18.65
CA THR A 556 5.61 9.79 -20.02
C THR A 556 6.29 8.52 -20.56
N TYR A 557 5.78 8.04 -21.67
CA TYR A 557 6.33 6.91 -22.38
C TYR A 557 7.34 7.50 -23.31
N THR A 558 8.59 7.16 -23.11
CA THR A 558 9.62 7.67 -23.95
C THR A 558 9.93 6.76 -25.10
N LYS A 559 9.28 5.60 -25.15
CA LYS A 559 9.46 4.61 -26.23
C LYS A 559 8.27 3.69 -26.20
N SER A 560 7.52 3.59 -27.28
CA SER A 560 6.32 2.82 -27.28
C SER A 560 5.90 2.44 -28.72
N LEU A 561 5.61 1.18 -28.95
CA LEU A 561 5.13 0.76 -30.25
C LEU A 561 3.66 0.92 -30.37
N ASP A 562 2.97 1.10 -29.26
CA ASP A 562 1.53 1.23 -29.25
C ASP A 562 1.02 2.50 -29.89
N GLY A 563 1.91 3.41 -30.25
CA GLY A 563 1.52 4.68 -30.79
C GLY A 563 1.45 5.73 -29.71
N ASN A 564 1.82 5.40 -28.48
CA ASN A 564 1.71 6.33 -27.40
C ASN A 564 3.05 6.88 -26.99
N GLN A 565 3.92 7.19 -27.95
CA GLN A 565 5.26 7.60 -27.61
C GLN A 565 5.51 8.98 -27.11
N GLY A 566 4.56 9.76 -26.70
CA GLY A 566 4.92 10.85 -25.74
C GLY A 566 3.85 11.14 -24.72
N HIS A 567 3.04 10.13 -24.46
CA HIS A 567 1.83 10.30 -23.76
C HIS A 567 2.10 10.03 -22.32
N THR A 568 1.16 10.46 -21.53
CA THR A 568 1.17 10.29 -20.13
C THR A 568 0.25 9.13 -19.92
N PRO A 569 0.63 8.18 -19.06
CA PRO A 569 -0.29 7.11 -18.72
C PRO A 569 -1.50 7.58 -17.95
N ASN A 570 -2.47 6.71 -17.88
CA ASN A 570 -3.65 6.99 -17.11
C ASN A 570 -3.27 6.76 -15.64
N GLN A 571 -4.10 7.30 -14.74
CA GLN A 571 -3.83 7.20 -13.30
C GLN A 571 -2.55 7.93 -12.84
N ALA A 572 -2.24 9.01 -13.54
CA ALA A 572 -1.00 9.79 -13.23
C ALA A 572 -1.24 11.33 -13.24
N PRO A 573 -1.68 11.84 -12.10
CA PRO A 573 -2.02 13.23 -12.13
C PRO A 573 -0.76 14.00 -12.22
N LYS A 574 -0.75 15.01 -13.07
CA LYS A 574 0.31 16.01 -13.08
C LYS A 574 0.46 16.81 -11.77
N HIS A 575 -0.66 17.17 -11.14
CA HIS A 575 -0.64 17.80 -9.82
C HIS A 575 -1.53 17.12 -8.83
N MET A 576 -0.99 17.03 -7.60
CA MET A 576 -1.72 16.68 -6.39
C MET A 576 -1.30 17.59 -5.25
N ALA A 577 -2.19 17.78 -4.29
CA ALA A 577 -1.86 18.48 -3.03
C ALA A 577 -2.82 18.17 -1.93
N SER A 578 -2.36 18.27 -0.69
CA SER A 578 -3.23 18.02 0.42
C SER A 578 -2.85 18.87 1.60
N LEU A 579 -3.82 19.12 2.48
CA LEU A 579 -3.66 19.87 3.73
C LEU A 579 -4.59 19.29 4.82
N TRP A 580 -4.03 18.94 5.98
CA TRP A 580 -4.81 18.43 7.11
C TRP A 580 -4.44 19.15 8.40
N ALA A 581 -5.43 19.57 9.17
CA ALA A 581 -5.15 20.27 10.42
C ALA A 581 -6.01 19.68 11.57
N ASP A 582 -5.41 19.39 12.73
CA ASP A 582 -6.18 19.03 13.92
C ASP A 582 -5.94 20.05 15.05
N TYR A 583 -7.02 20.65 15.57
CA TYR A 583 -7.00 21.57 16.72
C TYR A 583 -7.56 20.83 17.98
N ALA A 584 -6.88 20.97 19.09
CA ALA A 584 -7.32 20.38 20.32
C ALA A 584 -7.37 21.48 21.32
N PHE A 585 -8.53 21.76 21.88
CA PHE A 585 -8.59 22.84 22.84
C PHE A 585 -7.95 22.46 24.15
N ASP A 586 -7.00 23.31 24.52
CA ASP A 586 -6.16 23.19 25.70
C ASP A 586 -6.90 23.32 27.01
N ALA A 587 -7.44 24.50 27.19
CA ALA A 587 -8.20 24.90 28.32
C ALA A 587 -9.28 25.84 27.83
N GLY A 588 -9.90 26.50 28.77
CA GLY A 588 -10.99 27.38 28.45
C GLY A 588 -12.29 26.66 28.28
N PRO A 589 -13.23 27.30 27.61
CA PRO A 589 -14.57 26.83 27.33
C PRO A 589 -14.64 25.54 26.56
N LEU A 590 -13.82 25.37 25.55
CA LEU A 590 -13.89 24.19 24.72
C LEU A 590 -12.93 23.08 25.06
N SER A 591 -12.38 23.07 26.25
CA SER A 591 -11.45 22.04 26.70
C SER A 591 -11.97 20.64 26.47
N GLY A 592 -11.12 19.78 25.96
CA GLY A 592 -11.54 18.39 25.62
C GLY A 592 -11.99 18.19 24.18
N LEU A 593 -12.52 19.26 23.57
CA LEU A 593 -12.91 19.21 22.16
C LEU A 593 -11.74 19.27 21.23
N SER A 594 -11.94 18.70 20.05
CA SER A 594 -10.96 18.64 18.96
C SER A 594 -11.75 18.94 17.70
N ILE A 595 -11.28 19.81 16.81
CA ILE A 595 -11.84 19.84 15.43
C ILE A 595 -10.67 19.70 14.45
N GLY A 596 -10.91 19.03 13.35
CA GLY A 596 -9.92 18.93 12.34
C GLY A 596 -10.56 18.76 11.02
N GLY A 597 -9.78 18.99 9.99
CA GLY A 597 -10.29 18.98 8.64
C GLY A 597 -9.18 18.92 7.67
N GLY A 598 -9.55 18.70 6.43
CA GLY A 598 -8.56 18.66 5.40
C GLY A 598 -9.15 18.74 4.02
N ALA A 599 -8.26 19.02 3.08
CA ALA A 599 -8.63 19.03 1.67
C ALA A 599 -7.57 18.32 0.90
N ARG A 600 -8.02 17.63 -0.12
CA ARG A 600 -7.14 16.85 -1.00
C ARG A 600 -7.51 17.27 -2.37
N TYR A 601 -6.54 17.64 -3.18
CA TYR A 601 -6.82 17.96 -4.57
C TYR A 601 -6.05 16.97 -5.42
N VAL A 602 -6.73 16.44 -6.42
CA VAL A 602 -6.14 15.58 -7.41
C VAL A 602 -6.38 16.20 -8.79
N GLY A 603 -5.33 16.39 -9.61
CA GLY A 603 -5.50 17.03 -10.90
C GLY A 603 -6.17 16.15 -11.91
N GLU A 604 -6.43 16.75 -13.06
CA GLU A 604 -6.91 15.95 -14.21
C GLU A 604 -5.95 14.83 -14.58
N THR A 605 -6.53 13.74 -15.03
CA THR A 605 -5.79 12.58 -15.45
C THR A 605 -6.31 12.16 -16.80
N TRP A 606 -5.58 11.32 -17.50
CA TRP A 606 -6.13 10.76 -18.73
C TRP A 606 -6.90 9.50 -18.39
N ALA A 607 -8.02 9.28 -19.06
CA ALA A 607 -8.75 7.99 -19.03
C ALA A 607 -8.04 6.83 -19.76
N ASP A 608 -7.13 7.15 -20.68
CA ASP A 608 -6.50 6.16 -21.54
C ASP A 608 -5.06 6.47 -21.92
N LYS A 609 -4.26 5.44 -22.12
CA LYS A 609 -2.90 5.62 -22.64
C LYS A 609 -2.85 6.35 -24.01
N GLU A 610 -3.91 6.32 -24.81
CA GLU A 610 -3.95 7.10 -26.08
C GLU A 610 -4.16 8.59 -25.79
N ASN A 611 -4.62 8.91 -24.58
CA ASN A 611 -4.80 10.29 -24.16
C ASN A 611 -5.85 10.95 -25.01
N THR A 612 -6.94 10.23 -25.25
CA THR A 612 -8.06 10.73 -26.04
C THR A 612 -9.06 11.47 -25.19
N LEU A 613 -8.98 11.40 -23.88
CA LEU A 613 -10.08 11.83 -23.01
C LEU A 613 -9.65 11.97 -21.58
N ARG A 614 -9.99 13.13 -21.01
CA ARG A 614 -9.64 13.52 -19.64
C ARG A 614 -10.61 13.05 -18.55
N VAL A 615 -10.07 12.76 -17.38
CA VAL A 615 -10.81 12.62 -16.13
C VAL A 615 -10.71 13.96 -15.38
N PRO A 616 -11.86 14.63 -15.12
CA PRO A 616 -11.73 15.95 -14.50
C PRO A 616 -11.06 15.90 -13.11
N ASP A 617 -10.45 17.01 -12.71
CA ASP A 617 -9.92 17.11 -11.36
C ASP A 617 -11.01 17.15 -10.27
N TYR A 618 -10.54 16.97 -9.03
CA TYR A 618 -11.38 16.99 -7.88
C TYR A 618 -10.66 17.39 -6.60
N THR A 619 -11.38 18.16 -5.78
CA THR A 619 -10.98 18.49 -4.44
C THR A 619 -11.96 17.85 -3.48
N LEU A 620 -11.51 17.09 -2.52
CA LEU A 620 -12.41 16.51 -1.56
C LEU A 620 -12.12 17.12 -0.18
N VAL A 621 -13.10 17.18 0.71
CA VAL A 621 -12.95 17.85 2.01
C VAL A 621 -13.30 16.78 3.02
N ASP A 622 -12.47 16.63 4.05
CA ASP A 622 -12.69 15.68 5.18
C ASP A 622 -12.68 16.51 6.44
N ALA A 623 -13.44 16.08 7.45
CA ALA A 623 -13.65 16.86 8.68
C ALA A 623 -13.79 15.95 9.84
N ARG A 624 -13.58 16.48 11.03
CA ARG A 624 -13.76 15.69 12.24
C ARG A 624 -14.06 16.53 13.47
N ILE A 625 -14.73 15.89 14.44
CA ILE A 625 -14.89 16.47 15.76
C ILE A 625 -14.82 15.36 16.78
N GLY A 626 -14.20 15.65 17.91
CA GLY A 626 -13.87 14.65 18.95
C GLY A 626 -14.01 15.27 20.33
N TYR A 627 -14.26 14.46 21.34
CA TYR A 627 -14.37 14.96 22.73
C TYR A 627 -13.81 13.94 23.66
N ASP A 628 -13.05 14.43 24.64
CA ASP A 628 -12.34 13.58 25.60
C ASP A 628 -13.16 13.55 26.92
N LEU A 629 -13.73 12.40 27.25
CA LEU A 629 -14.62 12.34 28.41
C LEU A 629 -13.88 12.18 29.70
N GLY A 630 -12.56 12.12 29.64
CA GLY A 630 -11.69 12.24 30.81
C GLY A 630 -11.77 13.57 31.52
N LYS A 631 -11.95 14.63 30.76
CA LYS A 631 -12.31 15.91 31.31
C LYS A 631 -13.40 15.70 32.33
N LEU A 632 -14.48 14.95 32.03
CA LEU A 632 -15.64 14.87 32.96
C LEU A 632 -15.67 13.70 33.94
N GLY A 633 -14.52 13.12 34.32
CA GLY A 633 -14.54 11.98 35.25
C GLY A 633 -14.45 10.57 34.65
N LEU A 634 -14.63 10.37 33.34
CA LEU A 634 -14.49 9.05 32.71
C LEU A 634 -13.18 8.99 31.90
N LYS A 635 -12.10 8.80 32.64
CA LYS A 635 -10.70 8.75 32.18
C LYS A 635 -10.61 7.58 31.21
N GLY A 636 -9.94 7.81 30.10
CA GLY A 636 -9.86 6.84 29.01
C GLY A 636 -10.91 6.80 27.91
N LEU A 637 -12.13 7.25 28.19
CA LEU A 637 -13.21 7.19 27.19
C LEU A 637 -13.12 8.41 26.36
N ASP A 638 -13.15 8.21 25.08
CA ASP A 638 -13.34 9.37 24.22
C ASP A 638 -14.15 8.95 22.99
N VAL A 639 -14.50 9.96 22.20
CA VAL A 639 -15.59 9.86 21.28
C VAL A 639 -15.29 10.78 20.11
N SER A 640 -15.71 10.42 18.89
CA SER A 640 -15.38 11.20 17.65
C SER A 640 -16.46 11.04 16.57
N LEU A 641 -16.57 12.05 15.70
CA LEU A 641 -17.43 12.00 14.53
C LEU A 641 -16.54 12.40 13.38
N ASN A 642 -16.47 11.57 12.34
CA ASN A 642 -15.60 11.78 11.15
C ASN A 642 -16.38 11.82 9.87
N ALA A 643 -16.01 12.67 8.92
CA ALA A 643 -16.63 12.60 7.59
C ALA A 643 -15.59 12.78 6.49
N ASN A 644 -15.47 11.78 5.62
CA ASN A 644 -14.71 11.91 4.40
C ASN A 644 -15.64 12.20 3.23
N ASN A 645 -15.13 13.07 2.33
CA ASN A 645 -15.88 13.61 1.27
C ASN A 645 -17.12 14.21 1.88
N LEU A 646 -16.86 15.12 2.83
CA LEU A 646 -17.88 15.94 3.47
C LEU A 646 -18.89 16.55 2.51
N LEU A 647 -18.47 17.08 1.35
CA LEU A 647 -19.42 17.70 0.42
C LEU A 647 -20.03 16.72 -0.59
N ASP A 648 -19.80 15.42 -0.40
CA ASP A 648 -20.48 14.35 -1.17
C ASP A 648 -20.38 14.49 -2.69
N LYS A 649 -19.16 14.69 -3.16
CA LYS A 649 -18.92 14.79 -4.56
C LYS A 649 -19.19 13.48 -5.35
N ASP A 650 -19.88 13.53 -6.50
CA ASP A 650 -19.77 12.44 -7.53
C ASP A 650 -18.58 12.71 -8.36
N TYR A 651 -17.81 11.69 -8.64
CA TYR A 651 -16.68 11.89 -9.46
C TYR A 651 -16.19 10.53 -9.83
N VAL A 652 -15.46 10.52 -10.93
CA VAL A 652 -14.78 9.41 -11.40
C VAL A 652 -13.41 9.64 -10.83
N ALA A 653 -12.93 8.69 -10.02
CA ALA A 653 -11.64 8.80 -9.40
C ALA A 653 -10.53 8.57 -10.43
N SER A 654 -10.74 7.59 -11.30
CA SER A 654 -9.78 7.29 -12.35
C SER A 654 -10.39 6.38 -13.39
N CYS A 655 -9.70 6.17 -14.50
CA CYS A 655 -10.03 5.09 -15.40
C CYS A 655 -8.82 4.24 -15.67
N TYR A 656 -9.03 2.96 -15.95
CA TYR A 656 -7.94 2.06 -16.34
C TYR A 656 -7.82 2.00 -17.81
N SER A 657 -8.93 2.27 -18.48
CA SER A 657 -9.00 2.44 -19.92
C SER A 657 -10.39 3.06 -20.21
N LEU A 658 -10.73 3.30 -21.46
CA LEU A 658 -12.08 3.79 -21.73
C LEU A 658 -13.19 2.81 -21.39
N ASP A 659 -12.89 1.54 -21.24
CA ASP A 659 -13.91 0.55 -20.81
C ASP A 659 -14.13 0.40 -19.29
N PHE A 660 -13.23 0.96 -18.49
CA PHE A 660 -13.25 0.78 -17.06
C PHE A 660 -12.90 2.05 -16.32
N CYS A 661 -13.91 2.73 -15.85
CA CYS A 661 -13.77 3.93 -15.04
C CYS A 661 -14.42 3.62 -13.71
N TYR A 662 -13.88 4.23 -12.66
CA TYR A 662 -14.27 3.97 -11.30
C TYR A 662 -14.74 5.22 -10.57
N PHE A 663 -15.81 5.07 -9.80
CA PHE A 663 -16.32 6.15 -8.96
C PHE A 663 -15.58 6.32 -7.65
N GLY A 664 -15.38 7.55 -7.26
CA GLY A 664 -14.88 7.86 -5.91
C GLY A 664 -15.88 7.55 -4.82
N GLU A 665 -15.39 7.41 -3.59
CA GLU A 665 -16.30 7.09 -2.49
C GLU A 665 -17.08 8.36 -2.26
N LYS A 666 -18.33 8.13 -1.91
CA LYS A 666 -19.25 9.17 -1.51
C LYS A 666 -18.95 9.61 -0.08
N ARG A 667 -19.82 10.47 0.49
CA ARG A 667 -19.62 10.92 1.88
C ARG A 667 -19.67 9.74 2.86
N ASN A 668 -18.62 9.60 3.65
CA ASN A 668 -18.52 8.46 4.59
C ASN A 668 -18.40 9.01 5.96
N VAL A 669 -19.35 8.66 6.82
CA VAL A 669 -19.52 9.31 8.10
C VAL A 669 -19.42 8.23 9.15
N THR A 670 -18.44 8.32 10.03
CA THR A 670 -18.27 7.33 11.08
C THR A 670 -18.24 8.04 12.39
N ALA A 671 -18.98 7.49 13.33
CA ALA A 671 -18.97 7.98 14.68
C ALA A 671 -18.33 6.86 15.50
N THR A 672 -17.46 7.20 16.43
CA THR A 672 -16.67 6.21 17.13
C THR A 672 -16.60 6.48 18.61
N VAL A 673 -16.57 5.38 19.40
CA VAL A 673 -16.33 5.41 20.83
C VAL A 673 -15.12 4.55 21.19
N ASN A 674 -14.11 5.06 21.93
CA ASN A 674 -12.96 4.23 22.49
C ASN A 674 -12.85 4.37 23.96
N TYR A 675 -12.76 3.25 24.66
CA TYR A 675 -12.48 3.21 26.08
C TYR A 675 -11.10 2.61 26.23
N GLN A 676 -10.11 3.33 26.77
CA GLN A 676 -8.75 2.77 27.02
C GLN A 676 -8.63 2.28 28.48
N PHE A 677 -7.38 1.91 28.85
CA PHE A 677 -6.84 1.67 30.25
C PHE A 677 -5.35 2.05 30.22
NI NI B . -15.56 -18.45 4.19
C1 GOL C . -6.70 -8.70 -8.74
O1 GOL C . -7.01 -8.50 -10.11
C2 GOL C . -5.26 -8.28 -8.56
O2 GOL C . -5.10 -6.88 -8.82
C3 GOL C . -4.85 -8.60 -7.13
O3 GOL C . -3.94 -9.70 -7.14
C1 GOL D . -20.53 -8.44 -2.46
O1 GOL D . -21.85 -8.94 -2.37
C2 GOL D . -19.48 -9.50 -2.03
O2 GOL D . -19.93 -10.63 -1.29
C3 GOL D . -18.75 -10.05 -3.23
O3 GOL D . -17.64 -9.18 -3.45
C1 GOL E . -0.67 -9.22 35.70
O1 GOL E . 0.72 -9.08 35.99
C2 GOL E . -0.84 -10.07 34.43
O2 GOL E . -0.92 -11.51 34.69
C3 GOL E . -2.06 -9.51 33.68
O3 GOL E . -2.64 -10.53 32.88
C1 GOL F . 27.74 -15.66 20.75
O1 GOL F . 26.78 -14.83 21.42
C2 GOL F . 27.08 -16.80 19.94
O2 GOL F . 25.73 -16.47 19.57
C3 GOL F . 27.91 -17.12 18.70
O3 GOL F . 27.74 -18.50 18.36
C1 C8E G . -5.29 21.46 -0.50
C2 C8E G . -5.28 22.55 -1.54
C3 C8E G . -6.49 22.49 -2.49
C4 C8E G . -6.45 23.58 -3.57
C5 C8E G . -6.99 23.15 -4.94
C6 C8E G . -6.98 24.26 -6.00
C7 C8E G . -7.66 23.95 -7.35
C8 C8E G . -6.78 24.45 -8.51
O9 C8E G . -7.44 24.59 -9.78
C10 C8E G . -6.69 25.44 -10.71
C11 C8E G . -6.84 25.10 -12.20
O12 C8E G . -8.18 24.69 -12.52
C1 C8E H . -2.15 24.28 -3.74
C2 C8E H . -2.01 24.26 -5.26
C3 C8E H . -2.96 23.26 -5.94
C4 C8E H . -3.15 23.54 -7.44
C5 C8E H . -1.99 23.12 -8.33
C6 C8E H . -2.07 23.75 -9.74
C7 C8E H . -3.16 23.16 -10.65
C8 C8E H . -2.87 23.41 -12.16
O9 C8E H . -3.75 22.69 -13.06
C10 C8E H . -3.34 21.33 -13.31
C11 C8E H . -4.42 20.50 -14.03
O12 C8E H . -5.19 19.77 -13.06
C1 C8E I . -19.71 -6.45 14.67
C2 C8E I . -19.92 -7.39 13.49
C3 C8E I . -20.26 -6.63 12.20
C4 C8E I . -20.62 -7.55 11.03
C5 C8E I . -21.75 -6.99 10.16
C6 C8E I . -22.37 -8.04 9.24
C7 C8E I . -23.27 -7.41 8.15
C8 C8E I . -24.48 -8.31 7.83
O9 C8E I . -25.14 -8.72 9.05
C10 C8E I . -25.29 -10.13 9.27
C1 C8E J . -19.13 13.84 18.84
C2 C8E J . -20.51 13.25 18.52
C3 C8E J . -20.50 11.77 18.04
C4 C8E J . -20.20 10.74 19.12
C5 C8E J . -21.05 9.48 19.02
C6 C8E J . -20.58 8.48 20.06
C7 C8E J . -21.33 7.16 20.03
C8 C8E J . -20.63 6.14 19.13
O9 C8E J . -21.47 4.98 18.93
C10 C8E J . -20.91 3.90 18.17
C11 C8E J . -21.08 2.59 18.96
O12 C8E J . -21.76 1.59 18.17
C13 C8E J . -21.03 0.37 17.86
C14 C8E J . -21.93 -0.87 17.82
O15 C8E J . -21.65 -1.73 16.70
C16 C8E J . -21.92 -3.15 16.81
C17 C8E J . -23.25 -3.59 17.50
O18 C8E J . -24.24 -4.13 16.60
C19 C8E J . -24.27 -5.56 16.39
C20 C8E J . -24.54 -5.78 14.91
O21 C8E J . -25.10 -7.07 14.67
C1 FTT K . 17.44 -21.18 -8.26
C2 FTT K . 16.53 -20.00 -7.94
C3 FTT K . 16.56 -19.71 -6.47
C4 FTT K . 17.98 -19.23 -6.18
C5 FTT K . 18.85 -20.12 -5.29
C6 FTT K . 20.35 -19.96 -5.49
C7 FTT K . 20.97 -18.85 -4.65
C8 FTT K . 21.85 -19.35 -3.53
C9 FTT K . 22.83 -18.30 -3.02
C10 FTT K . 23.45 -18.58 -1.66
C11 FTT K . 24.30 -17.42 -1.12
C12 FTT K . 25.37 -17.79 -0.08
C13 FTT K . 26.05 -16.54 0.47
C14 FTT K . 27.02 -16.70 1.63
O2 FTT K . 17.07 -21.84 -9.25
O3 FTT K . 15.55 -18.74 -6.13
O1 FTT K . 18.52 -21.53 -7.64
C1 FTT L . 17.83 -21.70 -2.42
C2 FTT L . 17.15 -22.14 -1.12
C3 FTT L . 17.28 -21.15 0.03
C4 FTT L . 16.67 -21.63 1.37
C5 FTT L . 16.77 -20.60 2.52
C6 FTT L . 17.02 -21.19 3.90
C7 FTT L . 17.42 -20.16 4.97
C8 FTT L . 18.60 -20.60 5.84
C9 FTT L . 18.74 -19.84 7.14
C10 FTT L . 19.85 -20.36 8.05
C11 FTT L . 20.86 -19.28 8.46
C12 FTT L . 21.85 -18.89 7.36
C13 FTT L . 23.34 -19.13 7.71
C14 FTT L . 24.31 -17.97 7.49
O2 FTT L . 17.21 -20.90 -3.20
O3 FTT L . 18.67 -20.95 0.17
O1 FTT L . 18.99 -22.14 -2.73
C1 FTT M . -9.06 -25.42 9.72
C2 FTT M . -9.55 -24.13 10.38
C3 FTT M . -8.77 -22.84 10.13
C4 FTT M . -9.81 -21.75 9.87
C5 FTT M . -9.27 -20.36 10.13
C6 FTT M . -10.27 -19.26 9.82
C7 FTT M . -9.82 -17.87 10.30
C8 FTT M . -10.94 -17.00 10.85
C9 FTT M . -10.47 -15.93 11.83
C10 FTT M . -11.59 -15.11 12.43
C11 FTT M . -11.54 -14.97 13.95
C12 FTT M . -12.71 -14.20 14.57
C13 FTT M . -12.30 -12.89 15.30
C14 FTT M . -13.13 -12.39 16.48
O2 FTT M . -9.90 -26.35 9.50
O3 FTT M . -7.83 -22.55 11.19
O1 FTT M . -7.83 -25.62 9.39
S SO4 N . -0.15 16.05 -20.09
O1 SO4 N . 1.19 16.17 -20.69
O2 SO4 N . -0.97 15.13 -20.90
O3 SO4 N . -0.73 17.42 -20.09
O4 SO4 N . -0.04 15.52 -18.69
S SO4 O . 2.73 2.39 -15.63
O1 SO4 O . 1.60 1.46 -15.44
O2 SO4 O . 3.12 2.38 -17.08
O3 SO4 O . 2.23 3.72 -15.18
O4 SO4 O . 3.92 1.97 -14.85
S SO4 P . -24.46 -21.90 -13.80
O1 SO4 P . -24.46 -21.27 -15.15
O2 SO4 P . -24.92 -23.33 -13.86
O3 SO4 P . -25.37 -21.11 -12.92
O4 SO4 P . -23.14 -21.89 -13.15
S SO4 Q . -26.26 3.05 -29.56
O1 SO4 Q . -27.46 3.66 -30.18
O2 SO4 Q . -25.33 2.69 -30.65
O3 SO4 Q . -26.67 1.83 -28.80
O4 SO4 Q . -25.53 4.00 -28.65
S SO4 R . -21.77 15.15 -23.08
O1 SO4 R . -22.09 13.76 -23.54
O2 SO4 R . -22.99 15.94 -23.41
O3 SO4 R . -20.55 15.62 -23.78
O4 SO4 R . -21.47 15.24 -21.64
S SO4 S . 9.53 -0.38 15.77
O1 SO4 S . 8.67 -1.43 16.28
O2 SO4 S . 10.14 -0.87 14.55
O3 SO4 S . 8.75 0.80 15.46
O4 SO4 S . 10.51 -0.02 16.77
S SO4 T . 1.42 -1.84 -20.56
O1 SO4 T . 0.75 -0.76 -21.35
O2 SO4 T . 1.62 -3.01 -21.46
O3 SO4 T . 0.55 -2.15 -19.40
O4 SO4 T . 2.75 -1.44 -20.04
S SO4 U . -33.37 2.46 -20.52
O1 SO4 U . -32.16 1.92 -21.22
O2 SO4 U . -34.36 2.83 -21.57
O3 SO4 U . -33.92 1.42 -19.62
O4 SO4 U . -33.05 3.66 -19.70
S SO4 V . -35.82 6.69 -17.22
O1 SO4 V . -36.30 6.03 -18.45
O2 SO4 V . -35.96 8.16 -17.39
O3 SO4 V . -34.40 6.33 -16.95
O4 SO4 V . -36.62 6.20 -16.07
S SO4 W . -34.24 6.71 -24.41
O1 SO4 W . -34.01 7.36 -25.72
O2 SO4 W . -34.94 5.41 -24.64
O3 SO4 W . -35.05 7.57 -23.51
O4 SO4 W . -32.94 6.53 -23.73
S SO4 X . -20.53 11.71 -12.89
O1 SO4 X . -20.83 10.64 -13.87
O2 SO4 X . -21.80 12.42 -12.57
O3 SO4 X . -19.61 12.69 -13.52
O4 SO4 X . -19.90 11.17 -11.66
S SO4 Y . -5.88 18.33 -22.55
O1 SO4 Y . -6.66 17.07 -22.69
O2 SO4 Y . -6.36 19.32 -23.56
O3 SO4 Y . -4.44 18.10 -22.79
O4 SO4 Y . -6.07 18.87 -21.19
NA NA Z . -13.67 -6.63 2.99
NA NA AA . 13.97 7.95 -2.47
#